data_6KLK
#
_entry.id   6KLK
#
_cell.length_a   111.333
_cell.length_b   111.333
_cell.length_c   159.977
_cell.angle_alpha   90.000
_cell.angle_beta   90.000
_cell.angle_gamma   120.000
#
_symmetry.space_group_name_H-M   'P 31 2 1'
#
loop_
_entity.id
_entity.type
_entity.pdbx_description
1 polymer D-hydantoinase/dihydropyrimidinase
2 non-polymer 5-FLUOROURACIL
3 non-polymer 'ZINC ION'
4 water water
#
_entity_poly.entity_id   1
_entity_poly.type   'polypeptide(L)'
_entity_poly.pdbx_seq_one_letter_code
;MSLLIRGATVVTHEESYRADVLCANGLIQAIGENLETPSGCDVLDGGGQYLMPGGIDPHTHMQLPFMGTVASEDFFSGTA
AGLAGGTTSIIDFVIPNPRQSLLEAFHTWRGWAQKSAADYGFHVAITWWSDEVAREMGELVAQHGVNSF(KCX)HFMAYK
NAIMAADDTLVASFERCLELGAVPTVHAENGELVFHLQQKLLAQGLTGPEAHPLSRPPQVEGEAASRAIRIAETLGTPLY
LVHISSREALDEIAYARAKGQPVYGEVLAGHLLLDDSVYRHPDWATAAGYVMSPPFRPVEHQEALWRGLQSGNLHTTATD
HCCFCAEQKAMGRDDFSKIPNGTAGIEDRMALLWDAGVNSGRLSMHEFVALTSTNTAKIFNLFPRKGAIRVGADADLVLW
DPQGSRTLSAATHHQRVDFNIFEGRTVRGIPSHTISQGKLLWAAGDLRAEPGAGRYVERPAYPSVYEVLGRRAERQRPVA
VER
;
_entity_poly.pdbx_strand_id   A,B
#
# COMPACT_ATOMS: atom_id res chain seq x y z
N SER A 2 20.72 46.83 13.39
CA SER A 2 19.81 46.02 14.20
C SER A 2 18.35 46.42 14.00
N LEU A 3 17.47 45.53 14.45
CA LEU A 3 16.04 45.66 14.26
C LEU A 3 15.38 45.19 15.53
N LEU A 4 14.66 46.09 16.20
CA LEU A 4 13.92 45.76 17.39
C LEU A 4 12.44 45.73 17.01
N ILE A 5 11.79 44.59 17.21
CA ILE A 5 10.35 44.50 17.04
C ILE A 5 9.74 44.67 18.42
N ARG A 6 8.99 45.76 18.59
CA ARG A 6 8.53 46.17 19.91
C ARG A 6 7.02 46.01 20.01
N GLY A 7 6.56 45.49 21.14
CA GLY A 7 5.15 45.57 21.47
C GLY A 7 4.27 44.50 20.89
N ALA A 8 4.84 43.52 20.17
CA ALA A 8 4.05 42.43 19.61
C ALA A 8 3.83 41.33 20.66
N THR A 9 2.91 40.44 20.34
CA THR A 9 2.79 39.19 21.08
C THR A 9 3.61 38.15 20.32
N VAL A 10 4.62 37.60 20.98
CA VAL A 10 5.37 36.50 20.40
C VAL A 10 4.50 35.26 20.40
N VAL A 11 4.38 34.62 19.25
CA VAL A 11 3.61 33.39 19.13
C VAL A 11 4.55 32.33 18.59
N THR A 12 4.72 31.26 19.35
CA THR A 12 5.56 30.15 18.93
C THR A 12 4.69 28.96 18.61
N HIS A 13 5.33 27.81 18.43
CA HIS A 13 4.64 26.56 18.18
C HIS A 13 3.98 26.00 19.44
N GLU A 14 4.15 26.65 20.60
CA GLU A 14 3.56 26.16 21.84
C GLU A 14 2.96 27.23 22.73
N GLU A 15 3.33 28.49 22.61
CA GLU A 15 2.92 29.47 23.61
C GLU A 15 2.89 30.85 22.97
N SER A 16 2.21 31.76 23.64
CA SER A 16 2.20 33.17 23.27
C SER A 16 2.65 33.96 24.48
N TYR A 17 3.38 35.03 24.24
CA TYR A 17 3.74 35.92 25.35
C TYR A 17 4.13 37.26 24.79
N ARG A 18 3.90 38.31 25.59
CA ARG A 18 4.25 39.65 25.18
C ARG A 18 5.75 39.84 25.41
N ALA A 19 6.46 40.23 24.36
CA ALA A 19 7.87 40.52 24.51
C ALA A 19 8.33 41.24 23.26
N ASP A 20 9.38 42.04 23.43
CA ASP A 20 10.08 42.61 22.29
C ASP A 20 11.15 41.62 21.86
N VAL A 21 11.54 41.73 20.59
CA VAL A 21 12.56 40.85 20.03
C VAL A 21 13.57 41.72 19.30
N LEU A 22 14.84 41.59 19.69
CA LEU A 22 15.92 42.34 19.08
C LEU A 22 16.70 41.44 18.13
N CYS A 23 16.88 41.90 16.89
CA CYS A 23 17.70 41.23 15.89
C CYS A 23 18.95 42.04 15.60
N ALA A 24 20.04 41.33 15.31
CA ALA A 24 21.29 41.94 14.86
C ALA A 24 22.16 40.83 14.33
N ASN A 25 22.95 41.14 13.30
CA ASN A 25 23.94 40.21 12.78
C ASN A 25 23.28 38.92 12.31
N GLY A 26 22.07 39.05 11.76
CA GLY A 26 21.34 37.91 11.24
C GLY A 26 20.63 37.07 12.29
N LEU A 27 20.77 37.39 13.57
CA LEU A 27 20.30 36.51 14.64
C LEU A 27 19.37 37.25 15.57
N ILE A 28 18.58 36.48 16.28
CA ILE A 28 17.82 36.99 17.42
C ILE A 28 18.78 37.19 18.57
N GLN A 29 18.92 38.42 19.02
CA GLN A 29 19.89 38.77 20.05
C GLN A 29 19.31 38.81 21.44
N ALA A 30 18.05 39.22 21.57
CA ALA A 30 17.43 39.36 22.88
C ALA A 30 15.92 39.27 22.73
N ILE A 31 15.27 38.77 23.78
CA ILE A 31 13.82 38.67 23.87
C ILE A 31 13.42 39.05 25.28
N GLY A 32 12.43 39.93 25.41
CA GLY A 32 11.93 40.26 26.73
C GLY A 32 11.00 41.45 26.67
N GLU A 33 10.32 41.66 27.79
CA GLU A 33 9.48 42.85 27.94
C GLU A 33 10.36 44.10 27.94
N ASN A 34 9.96 45.10 27.18
CA ASN A 34 10.56 46.43 27.26
C ASN A 34 12.08 46.37 27.10
N LEU A 35 12.52 45.80 25.98
CA LEU A 35 13.95 45.72 25.72
C LEU A 35 14.51 47.11 25.49
N GLU A 36 15.74 47.31 25.95
CA GLU A 36 16.43 48.55 25.61
C GLU A 36 16.72 48.57 24.10
N THR A 37 16.76 49.77 23.55
CA THR A 37 17.03 49.94 22.13
C THR A 37 18.49 50.25 21.91
N PRO A 38 19.25 49.38 21.25
CA PRO A 38 20.65 49.72 20.93
C PRO A 38 20.69 50.95 20.04
N SER A 39 21.81 51.67 20.09
CA SER A 39 21.90 52.94 19.38
C SER A 39 21.83 52.72 17.88
N GLY A 40 21.01 53.51 17.21
CA GLY A 40 20.84 53.39 15.77
C GLY A 40 20.00 52.21 15.34
N CYS A 41 19.53 51.41 16.28
CA CYS A 41 18.67 50.28 15.95
C CYS A 41 17.34 50.76 15.41
N ASP A 42 16.89 50.16 14.31
CA ASP A 42 15.54 50.43 13.83
C ASP A 42 14.54 49.77 14.77
N VAL A 43 13.38 50.40 14.91
CA VAL A 43 12.31 49.87 15.75
C VAL A 43 11.09 49.65 14.89
N LEU A 44 10.53 48.45 14.95
CA LEU A 44 9.31 48.10 14.26
C LEU A 44 8.21 47.96 15.31
N ASP A 45 7.14 48.74 15.16
CA ASP A 45 6.06 48.73 16.13
C ASP A 45 5.13 47.56 15.80
N GLY A 46 5.14 46.54 16.65
CA GLY A 46 4.31 45.37 16.48
C GLY A 46 3.10 45.35 17.36
N GLY A 47 2.74 46.47 17.99
CA GLY A 47 1.57 46.49 18.83
C GLY A 47 0.35 45.90 18.14
N GLY A 48 -0.43 45.10 18.86
CA GLY A 48 -1.61 44.48 18.28
C GLY A 48 -1.34 43.41 17.25
N GLN A 49 -0.10 43.00 17.07
CA GLN A 49 0.22 42.00 16.07
C GLN A 49 0.91 40.81 16.72
N TYR A 50 1.07 39.75 15.93
CA TYR A 50 1.71 38.53 16.40
C TYR A 50 3.05 38.41 15.70
N LEU A 51 4.09 38.12 16.49
CA LEU A 51 5.42 37.90 15.96
C LEU A 51 5.70 36.41 16.01
N MET A 52 5.90 35.80 14.85
CA MET A 52 6.05 34.37 14.72
C MET A 52 7.31 34.09 13.92
N PRO A 53 7.83 32.87 13.99
CA PRO A 53 8.92 32.49 13.10
C PRO A 53 8.48 32.67 11.66
N GLY A 54 9.42 33.10 10.81
CA GLY A 54 9.13 33.16 9.40
C GLY A 54 8.79 31.78 8.86
N GLY A 55 7.91 31.76 7.85
CA GLY A 55 7.51 30.48 7.28
C GLY A 55 8.69 29.80 6.61
N ILE A 56 8.72 28.47 6.70
CA ILE A 56 9.65 27.65 5.93
C ILE A 56 8.80 26.85 4.97
N ASP A 57 9.11 26.96 3.67
CA ASP A 57 8.38 26.21 2.65
C ASP A 57 9.31 25.14 2.15
N PRO A 58 9.17 23.90 2.60
CA PRO A 58 10.12 22.85 2.23
C PRO A 58 9.85 22.24 0.86
N HIS A 59 9.06 22.91 0.03
CA HIS A 59 8.71 22.25 -1.22
C HIS A 59 8.49 23.32 -2.29
N THR A 60 9.58 23.76 -2.91
CA THR A 60 9.51 24.71 -4.00
C THR A 60 10.31 24.20 -5.20
N HIS A 61 9.97 24.73 -6.38
CA HIS A 61 10.63 24.35 -7.63
C HIS A 61 10.93 25.61 -8.45
N MET A 62 11.75 26.50 -7.89
CA MET A 62 12.06 27.73 -8.59
C MET A 62 12.78 27.42 -9.91
N GLN A 63 12.35 28.09 -10.97
CA GLN A 63 12.86 27.90 -12.33
C GLN A 63 13.20 26.44 -12.65
N LEU A 64 12.36 25.51 -12.23
CA LEU A 64 12.62 24.10 -12.53
C LEU A 64 12.43 23.86 -14.03
N PRO A 65 13.41 23.25 -14.71
CA PRO A 65 13.15 22.69 -16.04
C PRO A 65 12.32 21.42 -15.90
N PHE A 66 11.14 21.42 -16.48
CA PHE A 66 10.16 20.37 -16.20
C PHE A 66 9.16 20.33 -17.34
N MET A 67 8.82 19.11 -17.75
CA MET A 67 7.79 18.85 -18.77
C MET A 67 7.96 19.77 -19.97
N GLY A 68 9.20 19.90 -20.43
CA GLY A 68 9.52 20.59 -21.66
C GLY A 68 9.72 22.08 -21.56
N THR A 69 9.82 22.64 -20.35
CA THR A 69 9.93 24.09 -20.22
C THR A 69 10.55 24.39 -18.87
N VAL A 70 10.59 25.68 -18.51
CA VAL A 70 11.21 26.17 -17.29
C VAL A 70 10.19 27.00 -16.52
N ALA A 71 9.99 26.66 -15.25
CA ALA A 71 9.04 27.39 -14.42
C ALA A 71 9.27 28.89 -14.54
N SER A 72 8.16 29.62 -14.64
CA SER A 72 8.23 31.06 -14.89
C SER A 72 8.72 31.84 -13.68
N GLU A 73 8.72 31.23 -12.51
CA GLU A 73 9.24 31.81 -11.29
C GLU A 73 10.69 31.39 -11.13
N ASP A 74 11.59 32.34 -10.91
CA ASP A 74 12.98 31.95 -10.71
C ASP A 74 13.33 32.09 -9.23
N PHE A 75 14.57 31.78 -8.87
CA PHE A 75 14.87 31.73 -7.44
C PHE A 75 14.76 33.10 -6.80
N PHE A 76 14.99 34.17 -7.54
CA PHE A 76 14.81 35.48 -6.92
C PHE A 76 13.33 35.83 -6.79
N SER A 77 12.61 35.78 -7.91
CA SER A 77 11.20 36.19 -7.84
C SER A 77 10.42 35.31 -6.89
N GLY A 78 10.76 34.02 -6.82
CA GLY A 78 10.05 33.12 -5.94
C GLY A 78 10.35 33.36 -4.47
N THR A 79 11.63 33.53 -4.11
CA THR A 79 11.91 33.80 -2.71
C THR A 79 11.44 35.21 -2.32
N ALA A 80 11.47 36.17 -3.26
CA ALA A 80 10.92 37.49 -2.96
C ALA A 80 9.42 37.41 -2.71
N ALA A 81 8.69 36.69 -3.55
CA ALA A 81 7.26 36.52 -3.32
C ALA A 81 7.00 35.80 -2.01
N GLY A 82 7.83 34.79 -1.69
CA GLY A 82 7.72 34.16 -0.38
C GLY A 82 7.82 35.17 0.75
N LEU A 83 8.81 36.06 0.68
CA LEU A 83 8.98 37.04 1.74
C LEU A 83 7.74 37.93 1.86
N ALA A 84 7.19 38.39 0.74
CA ALA A 84 5.97 39.18 0.83
C ALA A 84 4.87 38.42 1.55
N GLY A 85 4.85 37.09 1.41
CA GLY A 85 3.89 36.23 2.06
C GLY A 85 4.27 35.72 3.43
N GLY A 86 5.36 36.19 4.02
CA GLY A 86 5.76 35.79 5.36
C GLY A 86 6.63 34.56 5.41
N THR A 87 6.99 34.00 4.26
CA THR A 87 7.85 32.83 4.21
C THR A 87 9.28 33.29 4.03
N THR A 88 10.15 32.88 4.94
CA THR A 88 11.51 33.41 4.98
C THR A 88 12.58 32.44 4.51
N SER A 89 12.25 31.16 4.31
CA SER A 89 13.25 30.27 3.73
C SER A 89 12.55 29.15 2.99
N ILE A 90 13.26 28.54 2.06
CA ILE A 90 12.68 27.50 1.21
C ILE A 90 13.61 26.30 1.25
N ILE A 91 13.05 25.14 0.96
CA ILE A 91 13.84 24.01 0.53
C ILE A 91 13.33 23.63 -0.83
N ASP A 92 14.20 23.74 -1.83
CA ASP A 92 13.91 23.45 -3.22
C ASP A 92 14.44 22.06 -3.55
N PHE A 93 14.49 21.71 -4.84
CA PHE A 93 14.88 20.37 -5.24
C PHE A 93 15.90 20.41 -6.37
N VAL A 94 17.03 19.75 -6.15
CA VAL A 94 17.92 19.39 -7.25
C VAL A 94 17.32 18.16 -7.89
N ILE A 95 16.99 18.24 -9.18
CA ILE A 95 16.40 17.09 -9.85
C ILE A 95 17.31 16.70 -11.00
N PRO A 96 18.28 15.83 -10.76
CA PRO A 96 19.13 15.35 -11.86
C PRO A 96 18.29 14.56 -12.84
N ASN A 97 18.63 14.68 -14.12
CA ASN A 97 18.07 13.79 -15.11
C ASN A 97 18.55 12.36 -14.83
N PRO A 98 17.81 11.36 -15.30
CA PRO A 98 18.33 10.00 -15.24
C PRO A 98 19.70 9.94 -15.87
N ARG A 99 20.64 9.27 -15.20
CA ARG A 99 22.03 9.10 -15.60
C ARG A 99 22.87 10.36 -15.43
N GLN A 100 22.29 11.46 -14.95
CA GLN A 100 23.06 12.66 -14.67
C GLN A 100 23.62 12.62 -13.26
N SER A 101 24.89 13.01 -13.13
CA SER A 101 25.52 13.11 -11.82
C SER A 101 24.72 14.00 -10.90
N LEU A 102 24.49 13.51 -9.67
CA LEU A 102 23.81 14.34 -8.68
C LEU A 102 24.60 15.59 -8.38
N LEU A 103 25.92 15.46 -8.30
CA LEU A 103 26.77 16.60 -7.96
C LEU A 103 26.75 17.64 -9.07
N GLU A 104 26.77 17.19 -10.33
CA GLU A 104 26.66 18.12 -11.44
C GLU A 104 25.37 18.92 -11.34
N ALA A 105 24.25 18.23 -11.15
CA ALA A 105 22.97 18.94 -11.00
C ALA A 105 23.00 19.85 -9.78
N PHE A 106 23.58 19.38 -8.68
CA PHE A 106 23.61 20.16 -7.45
C PHE A 106 24.31 21.50 -7.68
N HIS A 107 25.52 21.46 -8.26
CA HIS A 107 26.24 22.71 -8.48
C HIS A 107 25.47 23.61 -9.44
N THR A 108 24.87 23.02 -10.47
CA THR A 108 24.07 23.83 -11.40
C THR A 108 22.94 24.55 -10.67
N TRP A 109 22.21 23.81 -9.83
CA TRP A 109 21.13 24.42 -9.05
C TRP A 109 21.65 25.46 -8.07
N ARG A 110 22.83 25.23 -7.47
CA ARG A 110 23.42 26.28 -6.64
C ARG A 110 23.61 27.55 -7.46
N GLY A 111 23.99 27.40 -8.72
CA GLY A 111 24.11 28.57 -9.57
C GLY A 111 22.77 29.25 -9.76
N TRP A 112 21.75 28.45 -10.09
CA TRP A 112 20.40 28.98 -10.28
C TRP A 112 19.87 29.66 -9.03
N ALA A 113 20.21 29.12 -7.85
CA ALA A 113 19.65 29.64 -6.62
C ALA A 113 20.46 30.78 -6.02
N GLN A 114 21.61 31.10 -6.61
CA GLN A 114 22.43 32.16 -6.05
C GLN A 114 21.62 33.43 -5.90
N LYS A 115 20.72 33.70 -6.85
CA LYS A 115 19.94 34.93 -6.88
C LYS A 115 18.87 35.01 -5.81
N SER A 116 18.67 33.95 -5.03
CA SER A 116 17.64 33.97 -4.00
C SER A 116 17.78 35.19 -3.09
N ALA A 117 16.63 35.74 -2.72
CA ALA A 117 16.54 36.88 -1.81
C ALA A 117 16.44 36.46 -0.35
N ALA A 118 16.17 35.19 -0.07
CA ALA A 118 16.06 34.69 1.29
C ALA A 118 16.76 33.34 1.35
N ASP A 119 16.97 32.86 2.58
CA ASP A 119 17.72 31.63 2.76
C ASP A 119 17.04 30.48 2.05
N TYR A 120 17.85 29.54 1.56
CA TYR A 120 17.33 28.45 0.74
C TYR A 120 18.22 27.23 0.94
N GLY A 121 17.63 26.05 0.71
CA GLY A 121 18.39 24.82 0.73
C GLY A 121 17.78 23.88 -0.28
N PHE A 122 18.37 22.68 -0.37
CA PHE A 122 17.94 21.71 -1.38
C PHE A 122 17.74 20.35 -0.75
N HIS A 123 16.65 19.70 -1.14
CA HIS A 123 16.60 18.26 -1.24
C HIS A 123 17.21 17.84 -2.58
N VAL A 124 17.76 16.64 -2.65
CA VAL A 124 18.29 16.14 -3.91
C VAL A 124 17.46 14.92 -4.31
N ALA A 125 16.95 14.94 -5.55
CA ALA A 125 16.10 13.86 -6.02
C ALA A 125 16.94 12.71 -6.56
N ILE A 126 16.47 11.49 -6.29
CA ILE A 126 17.15 10.27 -6.72
C ILE A 126 16.34 9.75 -7.90
N THR A 127 16.76 10.12 -9.10
CA THR A 127 16.00 9.85 -10.31
C THR A 127 16.54 8.68 -11.10
N TRP A 128 17.57 8.02 -10.56
CA TRP A 128 18.17 6.82 -11.15
C TRP A 128 19.07 6.26 -10.06
N TRP A 129 19.63 5.08 -10.31
CA TRP A 129 20.44 4.45 -9.29
C TRP A 129 21.68 3.85 -9.91
N SER A 130 22.77 3.92 -9.17
CA SER A 130 24.05 3.33 -9.53
C SER A 130 24.93 3.45 -8.30
N ASP A 131 26.03 2.69 -8.28
CA ASP A 131 26.96 2.84 -7.18
C ASP A 131 27.45 4.28 -7.08
N GLU A 132 27.57 4.96 -8.23
CA GLU A 132 28.01 6.36 -8.20
C GLU A 132 26.96 7.24 -7.56
N VAL A 133 25.68 7.00 -7.84
CA VAL A 133 24.63 7.78 -7.17
C VAL A 133 24.80 7.67 -5.65
N ALA A 134 24.97 6.44 -5.17
CA ALA A 134 25.15 6.22 -3.74
C ALA A 134 26.36 6.98 -3.22
N ARG A 135 27.46 6.97 -3.98
CA ARG A 135 28.63 7.74 -3.56
C ARG A 135 28.31 9.22 -3.51
N GLU A 136 27.62 9.72 -4.53
CA GLU A 136 27.32 11.14 -4.60
C GLU A 136 26.38 11.56 -3.49
N MET A 137 25.44 10.69 -3.11
CA MET A 137 24.59 11.00 -1.95
C MET A 137 25.43 11.27 -0.71
N GLY A 138 26.46 10.42 -0.49
CA GLY A 138 27.33 10.63 0.66
C GLY A 138 28.09 11.94 0.58
N GLU A 139 28.60 12.27 -0.60
CA GLU A 139 29.31 13.54 -0.74
C GLU A 139 28.37 14.72 -0.51
N LEU A 140 27.15 14.64 -1.04
CA LEU A 140 26.18 15.70 -0.82
C LEU A 140 25.89 15.90 0.66
N VAL A 141 25.76 14.81 1.42
CA VAL A 141 25.49 14.94 2.85
C VAL A 141 26.73 15.44 3.58
N ALA A 142 27.89 14.91 3.23
CA ALA A 142 29.10 15.21 3.98
C ALA A 142 29.66 16.58 3.64
N GLN A 143 29.58 16.98 2.38
CA GLN A 143 30.22 18.22 1.94
C GLN A 143 29.25 19.33 1.60
N HIS A 144 28.00 19.02 1.29
CA HIS A 144 27.15 20.01 0.63
C HIS A 144 25.89 20.35 1.40
N GLY A 145 25.79 19.93 2.65
CA GLY A 145 24.73 20.42 3.50
C GLY A 145 23.37 19.83 3.21
N VAL A 146 23.30 18.76 2.44
CA VAL A 146 22.04 18.11 2.10
C VAL A 146 21.77 17.02 3.11
N ASN A 147 20.51 16.92 3.59
CA ASN A 147 20.25 15.80 4.49
C ASN A 147 18.94 15.12 4.15
N SER A 148 18.41 15.34 2.96
CA SER A 148 17.15 14.74 2.57
C SER A 148 17.19 14.45 1.08
N PHE A 149 16.62 13.30 0.70
CA PHE A 149 16.68 12.86 -0.68
C PHE A 149 15.28 12.54 -1.16
N HIS A 151 12.31 11.23 -3.79
CA HIS A 151 12.05 10.10 -4.68
C HIS A 151 10.71 10.29 -5.33
N PHE A 152 10.66 10.19 -6.64
CA PHE A 152 9.41 10.31 -7.37
C PHE A 152 8.92 8.92 -7.71
N MET A 153 7.72 8.57 -7.24
CA MET A 153 7.19 7.26 -7.56
C MET A 153 6.32 7.29 -8.81
N ALA A 154 6.00 8.47 -9.33
CA ALA A 154 5.34 8.60 -10.59
C ALA A 154 6.32 9.20 -11.59
N TYR A 155 5.80 9.74 -12.70
CA TYR A 155 6.61 10.22 -13.80
C TYR A 155 7.37 9.08 -14.45
N LYS A 156 6.61 8.04 -14.84
CA LYS A 156 7.20 6.87 -15.47
C LYS A 156 8.01 7.26 -16.70
N ASN A 157 9.03 6.46 -17.00
CA ASN A 157 9.94 6.68 -18.13
C ASN A 157 10.63 8.03 -18.06
N ALA A 158 10.39 8.80 -16.98
CA ALA A 158 11.14 10.01 -16.70
C ALA A 158 11.95 9.82 -15.41
N ILE A 159 11.57 10.52 -14.35
CA ILE A 159 12.35 10.54 -13.11
C ILE A 159 11.83 9.54 -12.08
N MET A 160 10.95 8.62 -12.49
CA MET A 160 10.34 7.68 -11.55
C MET A 160 11.34 6.68 -10.99
N ALA A 161 11.26 6.45 -9.67
CA ALA A 161 12.07 5.47 -8.98
C ALA A 161 11.21 4.25 -8.69
N ALA A 162 11.62 3.09 -9.20
CA ALA A 162 10.93 1.85 -8.91
C ALA A 162 11.39 1.31 -7.57
N ASP A 163 10.78 0.21 -7.13
CA ASP A 163 11.06 -0.32 -5.80
C ASP A 163 12.54 -0.60 -5.61
N ASP A 164 13.23 -1.08 -6.64
CA ASP A 164 14.64 -1.41 -6.43
C ASP A 164 15.43 -0.15 -6.08
N THR A 165 15.12 0.95 -6.76
CA THR A 165 15.81 2.20 -6.45
C THR A 165 15.37 2.74 -5.09
N LEU A 166 14.08 2.68 -4.79
CA LEU A 166 13.61 3.11 -3.48
C LEU A 166 14.33 2.36 -2.37
N VAL A 167 14.43 1.03 -2.50
CA VAL A 167 15.09 0.25 -1.46
C VAL A 167 16.55 0.65 -1.34
N ALA A 168 17.25 0.69 -2.48
CA ALA A 168 18.68 1.01 -2.44
C ALA A 168 18.90 2.41 -1.87
N SER A 169 18.06 3.36 -2.28
CA SER A 169 18.26 4.74 -1.84
C SER A 169 17.90 4.90 -0.37
N PHE A 170 16.77 4.32 0.05
CA PHE A 170 16.41 4.42 1.46
C PHE A 170 17.50 3.79 2.33
N GLU A 171 18.08 2.67 1.89
CA GLU A 171 19.18 2.09 2.66
C GLU A 171 20.35 3.07 2.74
N ARG A 172 20.67 3.71 1.61
CA ARG A 172 21.72 4.72 1.62
C ARG A 172 21.36 5.88 2.54
N CYS A 173 20.09 6.32 2.51
CA CYS A 173 19.66 7.37 3.42
C CYS A 173 19.90 6.97 4.87
N LEU A 174 19.58 5.73 5.23
CA LEU A 174 19.83 5.28 6.59
C LEU A 174 21.31 5.37 6.92
N GLU A 175 22.17 4.95 5.98
CA GLU A 175 23.60 4.95 6.21
C GLU A 175 24.13 6.37 6.40
N LEU A 176 23.48 7.35 5.79
CA LEU A 176 23.92 8.74 5.80
C LEU A 176 23.21 9.58 6.85
N GLY A 177 22.21 9.03 7.53
CA GLY A 177 21.39 9.83 8.42
C GLY A 177 20.57 10.86 7.70
N ALA A 178 20.12 10.55 6.48
CA ALA A 178 19.33 11.46 5.67
C ALA A 178 17.87 11.04 5.66
N VAL A 179 16.98 12.02 5.47
CA VAL A 179 15.56 11.78 5.47
C VAL A 179 15.13 11.44 4.03
N PRO A 180 14.63 10.24 3.77
CA PRO A 180 13.98 10.01 2.48
C PRO A 180 12.67 10.78 2.39
N THR A 181 12.44 11.42 1.25
CA THR A 181 11.16 12.04 1.00
C THR A 181 10.61 11.50 -0.31
N VAL A 182 9.30 11.49 -0.42
CA VAL A 182 8.69 10.77 -1.54
C VAL A 182 7.53 11.56 -2.11
N HIS A 183 7.49 11.66 -3.44
CA HIS A 183 6.27 11.99 -4.18
C HIS A 183 5.54 10.68 -4.42
N ALA A 184 4.41 10.48 -3.74
CA ALA A 184 3.75 9.18 -3.70
C ALA A 184 2.58 9.19 -4.69
N GLU A 185 2.83 8.67 -5.87
CA GLU A 185 1.78 8.24 -6.77
C GLU A 185 2.28 7.01 -7.49
N ASN A 186 1.39 6.05 -7.72
CA ASN A 186 1.82 4.86 -8.43
C ASN A 186 2.00 5.23 -9.90
N GLY A 187 3.25 5.27 -10.35
CA GLY A 187 3.53 5.72 -11.70
C GLY A 187 2.98 4.83 -12.79
N GLU A 188 2.95 3.51 -12.54
CA GLU A 188 2.40 2.61 -13.55
C GLU A 188 0.91 2.87 -13.76
N LEU A 189 0.16 3.04 -12.66
CA LEU A 189 -1.26 3.33 -12.80
C LEU A 189 -1.49 4.69 -13.47
N VAL A 190 -0.71 5.70 -13.08
CA VAL A 190 -0.84 6.99 -13.74
C VAL A 190 -0.61 6.84 -15.23
N PHE A 191 0.52 6.23 -15.60
CA PHE A 191 0.84 6.05 -17.02
C PHE A 191 -0.26 5.30 -17.74
N HIS A 192 -0.77 4.24 -17.11
CA HIS A 192 -1.82 3.45 -17.72
C HIS A 192 -3.09 4.27 -17.93
N LEU A 193 -3.48 5.04 -16.92
CA LEU A 193 -4.71 5.80 -17.03
C LEU A 193 -4.57 6.97 -17.99
N GLN A 194 -3.40 7.61 -18.01
CA GLN A 194 -3.19 8.70 -18.95
C GLN A 194 -3.38 8.21 -20.38
N GLN A 195 -2.78 7.07 -20.71
CA GLN A 195 -2.90 6.56 -22.07
C GLN A 195 -4.34 6.13 -22.35
N LYS A 196 -4.99 5.48 -21.39
CA LYS A 196 -6.37 5.04 -21.60
C LYS A 196 -7.29 6.22 -21.84
N LEU A 197 -7.14 7.28 -21.05
CA LEU A 197 -8.00 8.45 -21.24
C LEU A 197 -7.70 9.14 -22.56
N LEU A 198 -6.42 9.26 -22.92
CA LEU A 198 -6.08 9.85 -24.20
C LEU A 198 -6.64 9.00 -25.34
N ALA A 199 -6.45 7.69 -25.26
CA ALA A 199 -6.97 6.81 -26.30
C ALA A 199 -8.47 6.97 -26.49
N GLN A 200 -9.18 7.34 -25.42
CA GLN A 200 -10.62 7.58 -25.48
C GLN A 200 -10.96 9.00 -25.91
N GLY A 201 -9.97 9.82 -26.23
CA GLY A 201 -10.23 11.18 -26.65
C GLY A 201 -10.44 12.17 -25.52
N LEU A 202 -10.35 11.74 -24.26
CA LEU A 202 -10.42 12.64 -23.11
C LEU A 202 -9.06 13.33 -22.98
N THR A 203 -8.88 14.42 -23.70
CA THR A 203 -7.59 15.10 -23.73
C THR A 203 -7.55 16.35 -22.88
N GLY A 204 -8.69 16.78 -22.34
CA GLY A 204 -8.77 18.03 -21.66
C GLY A 204 -8.27 17.94 -20.24
N PRO A 205 -8.14 19.11 -19.60
CA PRO A 205 -7.67 19.12 -18.20
C PRO A 205 -8.56 18.31 -17.28
N GLU A 206 -9.84 18.17 -17.61
CA GLU A 206 -10.74 17.41 -16.76
C GLU A 206 -10.29 15.96 -16.64
N ALA A 207 -9.46 15.47 -17.57
CA ALA A 207 -8.97 14.11 -17.49
C ALA A 207 -7.77 13.98 -16.56
N HIS A 208 -7.13 15.09 -16.22
CA HIS A 208 -5.96 15.02 -15.35
C HIS A 208 -6.26 14.39 -14.00
N PRO A 209 -7.30 14.81 -13.27
CA PRO A 209 -7.60 14.11 -12.01
C PRO A 209 -8.00 12.66 -12.22
N LEU A 210 -8.71 12.38 -13.32
CA LEU A 210 -9.12 11.00 -13.58
C LEU A 210 -7.93 10.10 -13.82
N SER A 211 -6.82 10.65 -14.31
CA SER A 211 -5.64 9.86 -14.64
C SER A 211 -4.84 9.48 -13.42
N ARG A 212 -5.13 10.06 -12.25
CA ARG A 212 -4.38 9.75 -11.04
C ARG A 212 -5.30 9.91 -9.86
N PRO A 213 -6.32 9.05 -9.76
CA PRO A 213 -7.29 9.15 -8.67
C PRO A 213 -6.61 8.92 -7.33
N PRO A 214 -7.31 9.25 -6.24
CA PRO A 214 -6.66 9.29 -4.92
C PRO A 214 -6.01 7.99 -4.50
N GLN A 215 -6.57 6.83 -4.86
CA GLN A 215 -5.97 5.59 -4.41
C GLN A 215 -4.60 5.35 -5.01
N VAL A 216 -4.28 6.03 -6.11
CA VAL A 216 -2.95 5.92 -6.70
C VAL A 216 -1.92 6.54 -5.78
N GLU A 217 -2.33 7.61 -5.11
CA GLU A 217 -1.47 8.22 -4.10
C GLU A 217 -1.48 7.40 -2.82
N GLY A 218 -2.66 6.90 -2.42
CA GLY A 218 -2.70 6.03 -1.24
C GLY A 218 -1.81 4.82 -1.38
N GLU A 219 -1.83 4.19 -2.55
CA GLU A 219 -0.98 3.03 -2.78
C GLU A 219 0.47 3.40 -2.61
N ALA A 220 0.91 4.42 -3.34
CA ALA A 220 2.33 4.77 -3.29
C ALA A 220 2.75 5.19 -1.90
N ALA A 221 1.86 5.88 -1.17
CA ALA A 221 2.18 6.23 0.21
C ALA A 221 2.39 4.97 1.03
N SER A 222 1.47 4.01 0.90
CA SER A 222 1.62 2.75 1.62
C SER A 222 2.96 2.09 1.31
N ARG A 223 3.36 2.11 0.05
CA ARG A 223 4.59 1.42 -0.36
C ARG A 223 5.82 2.13 0.17
N ALA A 224 5.90 3.45 -0.01
CA ALA A 224 7.03 4.17 0.55
C ALA A 224 7.10 3.95 2.06
N ILE A 225 5.96 4.04 2.74
CA ILE A 225 5.93 3.86 4.19
C ILE A 225 6.46 2.49 4.57
N ARG A 226 6.06 1.45 3.84
CA ARG A 226 6.45 0.11 4.25
C ARG A 226 7.88 -0.20 3.82
N ILE A 227 8.38 0.41 2.74
CA ILE A 227 9.81 0.32 2.47
C ILE A 227 10.60 0.96 3.60
N ALA A 228 10.19 2.17 4.01
CA ALA A 228 10.88 2.84 5.12
C ALA A 228 10.82 2.00 6.39
N GLU A 229 9.65 1.43 6.70
CA GLU A 229 9.55 0.60 7.90
C GLU A 229 10.51 -0.58 7.83
N THR A 230 10.56 -1.23 6.66
CA THR A 230 11.38 -2.42 6.52
C THR A 230 12.86 -2.09 6.60
N LEU A 231 13.26 -0.97 6.04
CA LEU A 231 14.66 -0.57 6.06
C LEU A 231 15.04 0.19 7.31
N GLY A 232 14.06 0.66 8.08
CA GLY A 232 14.35 1.34 9.33
C GLY A 232 14.71 2.80 9.18
N THR A 233 14.04 3.51 8.26
CA THR A 233 14.24 4.94 8.06
C THR A 233 12.99 5.69 8.46
N PRO A 234 13.11 6.97 8.78
CA PRO A 234 11.95 7.84 8.75
C PRO A 234 11.50 8.03 7.32
N LEU A 235 10.40 8.76 7.13
CA LEU A 235 9.92 9.02 5.80
C LEU A 235 9.10 10.29 5.83
N TYR A 236 9.34 11.14 4.85
CA TYR A 236 8.58 12.37 4.67
C TYR A 236 7.84 12.26 3.34
N LEU A 237 6.54 12.34 3.38
CA LEU A 237 5.75 12.29 2.19
C LEU A 237 5.32 13.67 1.82
N VAL A 238 5.66 14.08 0.63
CA VAL A 238 5.32 15.39 0.19
C VAL A 238 3.88 15.43 -0.29
N HIS A 239 3.36 16.65 -0.36
CA HIS A 239 2.03 17.00 -0.79
C HIS A 239 0.99 15.93 -0.73
N ILE A 240 0.62 15.57 0.46
CA ILE A 240 -0.42 14.58 0.66
C ILE A 240 -1.75 15.25 0.33
N SER A 241 -2.54 14.63 -0.51
CA SER A 241 -3.79 15.22 -0.96
C SER A 241 -5.00 14.35 -0.67
N SER A 242 -4.80 13.10 -0.24
CA SER A 242 -5.86 12.11 -0.28
C SER A 242 -6.08 11.53 1.11
N ARG A 243 -7.34 11.19 1.39
CA ARG A 243 -7.65 10.45 2.61
C ARG A 243 -6.88 9.13 2.64
N GLU A 244 -6.78 8.46 1.49
CA GLU A 244 -6.10 7.16 1.44
C GLU A 244 -4.66 7.28 1.93
N ALA A 245 -3.93 8.29 1.44
CA ALA A 245 -2.54 8.45 1.87
C ALA A 245 -2.47 8.89 3.32
N LEU A 246 -3.31 9.84 3.70
CA LEU A 246 -3.33 10.26 5.10
C LEU A 246 -3.58 9.07 6.02
N ASP A 247 -4.54 8.23 5.66
CA ASP A 247 -4.81 7.06 6.49
C ASP A 247 -3.61 6.14 6.57
N GLU A 248 -2.84 6.01 5.49
CA GLU A 248 -1.62 5.21 5.57
C GLU A 248 -0.62 5.83 6.53
N ILE A 249 -0.48 7.15 6.49
CA ILE A 249 0.42 7.80 7.44
C ILE A 249 -0.04 7.55 8.86
N ALA A 250 -1.33 7.77 9.13
CA ALA A 250 -1.84 7.57 10.48
C ALA A 250 -1.65 6.13 10.94
N TYR A 251 -1.91 5.19 10.03
CA TYR A 251 -1.70 3.78 10.32
C TYR A 251 -0.25 3.51 10.67
N ALA A 252 0.70 4.17 10.01
CA ALA A 252 2.10 3.99 10.36
C ALA A 252 2.50 4.65 11.65
N ARG A 253 1.98 5.83 11.88
CA ARG A 253 2.34 6.54 13.09
C ARG A 253 1.84 5.78 14.31
N ALA A 254 0.71 5.11 14.13
CA ALA A 254 0.10 4.29 15.16
C ALA A 254 0.83 2.98 15.42
N LYS A 255 1.80 2.60 14.61
CA LYS A 255 2.66 1.46 14.84
C LYS A 255 4.02 2.01 15.35
N GLY A 256 4.08 3.29 15.68
CA GLY A 256 5.30 3.90 16.12
C GLY A 256 6.35 4.20 15.06
N GLN A 257 5.93 4.38 13.83
CA GLN A 257 6.86 4.65 12.77
C GLN A 257 6.95 6.14 12.50
N PRO A 258 8.17 6.63 12.34
CA PRO A 258 8.37 8.04 12.07
C PRO A 258 8.09 8.41 10.63
N VAL A 259 6.84 8.73 10.36
CA VAL A 259 6.36 9.14 9.07
C VAL A 259 5.76 10.51 9.18
N TYR A 260 6.22 11.41 8.32
CA TYR A 260 5.77 12.80 8.30
C TYR A 260 5.00 13.07 7.03
N GLY A 261 3.99 13.91 7.14
CA GLY A 261 3.15 14.29 6.03
C GLY A 261 3.19 15.79 5.79
N GLU A 262 3.31 16.16 4.53
CA GLU A 262 3.31 17.53 4.09
C GLU A 262 2.00 17.82 3.37
N VAL A 263 1.45 19.02 3.53
CA VAL A 263 0.21 19.34 2.82
C VAL A 263 0.30 20.75 2.26
N LEU A 264 -0.34 20.94 1.10
CA LEU A 264 -0.44 22.23 0.43
C LEU A 264 -1.80 22.85 0.71
N ALA A 265 -1.84 24.19 0.82
CA ALA A 265 -3.11 24.88 0.99
C ALA A 265 -4.10 24.51 -0.10
N GLY A 266 -3.63 24.38 -1.34
CA GLY A 266 -4.52 24.02 -2.43
C GLY A 266 -5.28 22.73 -2.15
N HIS A 267 -4.59 21.72 -1.60
CA HIS A 267 -5.27 20.46 -1.33
C HIS A 267 -6.12 20.51 -0.07
N LEU A 268 -5.92 21.49 0.80
CA LEU A 268 -6.83 21.69 1.93
C LEU A 268 -8.09 22.43 1.53
N LEU A 269 -8.06 23.18 0.45
CA LEU A 269 -9.08 24.18 0.20
C LEU A 269 -9.75 24.07 -1.15
N LEU A 270 -9.19 23.35 -2.10
CA LEU A 270 -9.76 23.22 -3.44
C LEU A 270 -10.23 21.79 -3.67
N ASP A 271 -11.22 21.64 -4.54
CA ASP A 271 -11.67 20.31 -4.93
C ASP A 271 -11.52 20.14 -6.42
N ASP A 272 -11.73 18.90 -6.89
CA ASP A 272 -11.40 18.60 -8.27
C ASP A 272 -12.39 19.20 -9.27
N SER A 273 -13.43 19.89 -8.80
CA SER A 273 -14.31 20.57 -9.74
C SER A 273 -13.57 21.66 -10.52
N VAL A 274 -12.43 22.14 -10.01
CA VAL A 274 -11.69 23.16 -10.74
C VAL A 274 -11.31 22.69 -12.14
N TYR A 275 -11.12 21.39 -12.32
CA TYR A 275 -10.65 20.88 -13.61
C TYR A 275 -11.74 20.84 -14.64
N ARG A 276 -12.99 21.09 -14.27
CA ARG A 276 -14.08 21.11 -15.23
C ARG A 276 -14.46 22.52 -15.63
N HIS A 277 -13.61 23.50 -15.33
CA HIS A 277 -13.93 24.85 -15.72
C HIS A 277 -14.05 24.91 -17.25
N PRO A 278 -15.06 25.61 -17.78
CA PRO A 278 -15.24 25.64 -19.24
C PRO A 278 -14.11 26.36 -19.96
N ASP A 279 -13.39 27.24 -19.28
CA ASP A 279 -12.25 27.90 -19.90
C ASP A 279 -11.03 26.99 -19.77
N TRP A 280 -10.45 26.60 -20.90
CA TRP A 280 -9.35 25.64 -20.88
C TRP A 280 -8.21 26.13 -20.01
N ALA A 281 -7.78 27.38 -20.22
CA ALA A 281 -6.62 27.89 -19.50
C ALA A 281 -6.87 27.95 -18.02
N THR A 282 -8.10 28.27 -17.61
CA THR A 282 -8.40 28.28 -16.19
C THR A 282 -8.31 26.88 -15.60
N ALA A 283 -8.94 25.90 -16.26
CA ALA A 283 -8.83 24.52 -15.78
C ALA A 283 -7.38 24.06 -15.75
N ALA A 284 -6.59 24.44 -16.76
CA ALA A 284 -5.20 23.99 -16.83
C ALA A 284 -4.34 24.63 -15.74
N GLY A 285 -4.74 25.82 -15.26
CA GLY A 285 -4.02 26.47 -14.20
C GLY A 285 -3.95 25.67 -12.92
N TYR A 286 -4.91 24.77 -12.71
CA TYR A 286 -4.93 23.92 -11.52
C TYR A 286 -4.19 22.62 -11.72
N VAL A 287 -3.66 22.37 -12.91
CA VAL A 287 -3.07 21.06 -13.19
C VAL A 287 -1.75 20.97 -12.47
N MET A 288 -1.72 20.11 -11.46
CA MET A 288 -0.51 19.72 -10.76
C MET A 288 -0.73 18.29 -10.31
N SER A 289 0.32 17.66 -9.84
CA SER A 289 0.23 16.28 -9.37
C SER A 289 0.79 16.21 -7.97
N PRO A 290 0.05 15.69 -6.99
CA PRO A 290 -1.31 15.14 -7.15
C PRO A 290 -2.32 16.22 -7.44
N PRO A 291 -3.38 15.88 -8.18
CA PRO A 291 -4.38 16.89 -8.53
C PRO A 291 -5.25 17.19 -7.33
N PHE A 292 -6.04 18.24 -7.46
CA PHE A 292 -7.04 18.53 -6.45
C PHE A 292 -8.12 17.47 -6.47
N ARG A 293 -8.74 17.25 -5.32
CA ARG A 293 -9.46 16.03 -5.02
C ARG A 293 -10.93 16.30 -4.72
N PRO A 294 -11.77 15.27 -4.78
CA PRO A 294 -13.15 15.41 -4.28
C PRO A 294 -13.16 15.95 -2.87
N VAL A 295 -14.25 16.65 -2.53
CA VAL A 295 -14.26 17.50 -1.34
C VAL A 295 -13.99 16.72 -0.07
N GLU A 296 -14.40 15.44 -0.02
CA GLU A 296 -14.22 14.69 1.21
C GLU A 296 -12.75 14.61 1.60
N HIS A 297 -11.84 14.71 0.63
CA HIS A 297 -10.43 14.63 0.98
C HIS A 297 -9.97 15.88 1.72
N GLN A 298 -10.55 17.05 1.42
CA GLN A 298 -10.13 18.25 2.13
C GLN A 298 -10.42 18.13 3.62
N GLU A 299 -11.62 17.68 3.98
CA GLU A 299 -11.94 17.55 5.39
C GLU A 299 -11.00 16.55 6.06
N ALA A 300 -10.69 15.45 5.36
CA ALA A 300 -9.76 14.47 5.92
C ALA A 300 -8.40 15.10 6.19
N LEU A 301 -7.89 15.87 5.23
CA LEU A 301 -6.58 16.50 5.42
C LEU A 301 -6.61 17.47 6.59
N TRP A 302 -7.66 18.25 6.72
CA TRP A 302 -7.74 19.16 7.87
C TRP A 302 -7.69 18.37 9.15
N ARG A 303 -8.37 17.24 9.17
CA ARG A 303 -8.34 16.39 10.33
C ARG A 303 -6.95 15.81 10.60
N GLY A 304 -6.20 15.55 9.55
CA GLY A 304 -4.85 15.12 9.68
C GLY A 304 -4.01 16.20 10.36
N LEU A 305 -4.18 17.43 9.96
CA LEU A 305 -3.44 18.49 10.65
C LEU A 305 -3.81 18.53 12.11
N GLN A 306 -5.11 18.43 12.41
CA GLN A 306 -5.56 18.57 13.79
C GLN A 306 -5.13 17.39 14.63
N SER A 307 -4.98 16.20 14.03
CA SER A 307 -4.62 15.02 14.80
C SER A 307 -3.12 14.79 14.88
N GLY A 308 -2.32 15.59 14.19
CA GLY A 308 -0.89 15.34 14.24
C GLY A 308 -0.43 14.29 13.27
N ASN A 309 -1.25 13.91 12.29
CA ASN A 309 -0.85 12.99 11.26
C ASN A 309 -0.40 13.67 9.97
N LEU A 310 -0.59 14.98 9.85
CA LEU A 310 0.12 15.81 8.88
C LEU A 310 0.91 16.83 9.66
N HIS A 311 2.12 17.13 9.20
CA HIS A 311 3.10 17.81 10.02
C HIS A 311 3.58 19.12 9.47
N THR A 312 3.58 19.29 8.15
CA THR A 312 4.14 20.49 7.58
C THR A 312 3.22 21.01 6.50
N THR A 313 3.36 22.29 6.19
CA THR A 313 2.73 22.85 5.01
C THR A 313 3.80 23.35 4.05
N ALA A 314 3.46 23.32 2.77
CA ALA A 314 4.37 23.72 1.72
C ALA A 314 3.52 24.16 0.54
N THR A 315 4.15 24.45 -0.57
CA THR A 315 3.40 24.94 -1.72
C THR A 315 3.64 24.17 -3.00
N ASP A 316 4.69 23.36 -3.09
CA ASP A 316 5.06 22.78 -4.37
C ASP A 316 5.12 23.88 -5.42
N HIS A 317 5.74 25.00 -5.03
CA HIS A 317 5.71 26.21 -5.85
C HIS A 317 6.37 25.96 -7.21
N CYS A 318 5.55 25.85 -8.25
CA CYS A 318 6.03 25.37 -9.54
C CYS A 318 5.20 26.07 -10.61
N CYS A 319 5.70 27.20 -11.07
CA CYS A 319 4.91 28.18 -11.81
C CYS A 319 5.06 28.00 -13.30
N PHE A 320 3.93 27.91 -13.98
CA PHE A 320 3.87 27.92 -15.44
C PHE A 320 2.77 28.88 -15.85
N CYS A 321 3.08 29.78 -16.78
CA CYS A 321 2.10 30.72 -17.26
C CYS A 321 1.21 30.06 -18.31
N ALA A 322 0.24 30.83 -18.82
CA ALA A 322 -0.76 30.27 -19.72
C ALA A 322 -0.13 29.66 -20.95
N GLU A 323 0.82 30.37 -21.57
CA GLU A 323 1.42 29.83 -22.79
C GLU A 323 2.17 28.54 -22.50
N GLN A 324 2.70 28.39 -21.29
CA GLN A 324 3.36 27.15 -20.92
C GLN A 324 2.35 26.04 -20.65
N LYS A 325 1.32 26.34 -19.85
CA LYS A 325 0.26 25.36 -19.63
C LYS A 325 -0.30 24.88 -20.96
N ALA A 326 -0.44 25.80 -21.92
CA ALA A 326 -1.01 25.50 -23.22
C ALA A 326 -0.15 24.54 -24.04
N MET A 327 1.04 24.18 -23.58
CA MET A 327 1.76 23.09 -24.22
C MET A 327 0.93 21.80 -24.21
N GLY A 328 0.00 21.66 -23.28
CA GLY A 328 -0.88 20.52 -23.24
C GLY A 328 -2.28 20.78 -23.75
N ARG A 329 -2.45 21.81 -24.59
CA ARG A 329 -3.78 22.16 -25.07
C ARG A 329 -4.50 20.98 -25.71
N ASP A 330 -3.77 20.09 -26.39
CA ASP A 330 -4.37 18.93 -27.03
C ASP A 330 -4.10 17.63 -26.28
N ASP A 331 -3.47 17.70 -25.11
CA ASP A 331 -3.03 16.50 -24.41
C ASP A 331 -2.75 16.92 -22.96
N PHE A 332 -3.68 16.61 -22.07
CA PHE A 332 -3.53 17.04 -20.68
C PHE A 332 -2.24 16.52 -20.07
N SER A 333 -1.75 15.36 -20.52
CA SER A 333 -0.54 14.80 -19.94
C SER A 333 0.69 15.64 -20.25
N LYS A 334 0.59 16.58 -21.18
CA LYS A 334 1.68 17.45 -21.55
C LYS A 334 1.56 18.85 -20.97
N ILE A 335 0.47 19.13 -20.24
CA ILE A 335 0.35 20.36 -19.47
C ILE A 335 1.44 20.34 -18.39
N PRO A 336 2.38 21.28 -18.39
CA PRO A 336 3.36 21.28 -17.29
C PRO A 336 2.63 21.40 -15.96
N ASN A 337 2.90 20.44 -15.08
CA ASN A 337 2.20 20.31 -13.81
C ASN A 337 2.80 21.26 -12.79
N GLY A 338 1.96 22.00 -12.10
CA GLY A 338 2.43 22.81 -10.99
C GLY A 338 1.57 24.02 -10.79
N THR A 339 1.48 24.46 -9.54
CA THR A 339 0.75 25.66 -9.20
C THR A 339 1.66 26.54 -8.35
N ALA A 340 1.29 27.83 -8.27
CA ALA A 340 1.96 28.78 -7.40
C ALA A 340 1.36 28.72 -6.00
N GLY A 341 2.17 29.03 -5.00
CA GLY A 341 1.63 29.15 -3.66
C GLY A 341 2.53 29.80 -2.61
N ILE A 342 3.81 30.03 -2.93
CA ILE A 342 4.74 30.35 -1.85
C ILE A 342 4.32 31.64 -1.14
N GLU A 343 3.80 32.61 -1.90
CA GLU A 343 3.40 33.87 -1.31
C GLU A 343 2.15 33.72 -0.46
N ASP A 344 1.35 32.70 -0.74
CA ASP A 344 0.00 32.66 -0.23
C ASP A 344 -0.21 31.68 0.90
N ARG A 345 0.72 30.74 1.09
CA ARG A 345 0.52 29.64 2.03
C ARG A 345 0.15 30.14 3.41
N MET A 346 0.95 31.06 3.96
CA MET A 346 0.75 31.38 5.36
C MET A 346 -0.59 32.08 5.57
N ALA A 347 -0.95 33.02 4.69
CA ALA A 347 -2.22 33.70 4.90
C ALA A 347 -3.40 32.76 4.63
N LEU A 348 -3.25 31.84 3.68
CA LEU A 348 -4.33 30.90 3.41
C LEU A 348 -4.58 30.01 4.61
N LEU A 349 -3.50 29.48 5.21
CA LEU A 349 -3.64 28.60 6.37
C LEU A 349 -4.12 29.37 7.59
N TRP A 350 -3.59 30.58 7.82
CA TRP A 350 -4.08 31.38 8.94
C TRP A 350 -5.58 31.61 8.80
N ASP A 351 -5.99 32.09 7.64
CA ASP A 351 -7.39 32.44 7.44
C ASP A 351 -8.31 31.22 7.52
N ALA A 352 -7.92 30.11 6.88
CA ALA A 352 -8.80 28.94 6.89
C ALA A 352 -8.69 28.17 8.19
N GLY A 353 -7.51 28.15 8.79
CA GLY A 353 -7.26 27.28 9.91
C GLY A 353 -7.35 27.97 11.25
N VAL A 354 -6.76 29.16 11.38
CA VAL A 354 -6.78 29.82 12.68
C VAL A 354 -8.10 30.55 12.88
N ASN A 355 -8.53 31.35 11.90
CA ASN A 355 -9.79 32.08 12.06
C ASN A 355 -10.96 31.15 12.34
N SER A 356 -10.96 29.97 11.74
CA SER A 356 -12.07 29.03 11.91
C SER A 356 -12.04 28.31 13.23
N GLY A 357 -10.95 28.39 13.99
CA GLY A 357 -10.81 27.54 15.16
C GLY A 357 -10.41 26.11 14.86
N ARG A 358 -10.03 25.78 13.63
CA ARG A 358 -9.53 24.44 13.37
C ARG A 358 -8.17 24.25 14.03
N LEU A 359 -7.33 25.27 13.95
CA LEU A 359 -5.95 25.24 14.41
C LEU A 359 -5.72 26.38 15.38
N SER A 360 -4.96 26.09 16.44
CA SER A 360 -4.46 27.15 17.29
C SER A 360 -3.39 27.95 16.54
N MET A 361 -3.11 29.15 17.05
CA MET A 361 -2.00 29.90 16.48
C MET A 361 -0.68 29.15 16.65
N HIS A 362 -0.54 28.39 17.73
CA HIS A 362 0.66 27.59 17.94
C HIS A 362 0.77 26.48 16.92
N GLU A 363 -0.35 25.83 16.62
CA GLU A 363 -0.32 24.83 15.56
C GLU A 363 0.05 25.47 14.23
N PHE A 364 -0.49 26.66 13.98
CA PHE A 364 -0.12 27.39 12.76
C PHE A 364 1.40 27.57 12.68
N VAL A 365 2.04 28.00 13.76
CA VAL A 365 3.49 28.13 13.74
C VAL A 365 4.14 26.77 13.47
N ALA A 366 3.78 25.75 14.24
CA ALA A 366 4.35 24.42 14.04
C ALA A 366 4.21 23.98 12.59
N LEU A 367 3.03 24.19 12.02
CA LEU A 367 2.75 23.72 10.68
C LEU A 367 3.38 24.58 9.59
N THR A 368 3.78 25.83 9.89
CA THR A 368 4.37 26.68 8.86
C THR A 368 5.88 26.83 8.97
N SER A 369 6.47 26.52 10.12
CA SER A 369 7.92 26.56 10.19
C SER A 369 8.51 25.49 11.10
N THR A 370 8.06 25.41 12.35
CA THR A 370 8.81 24.65 13.35
C THR A 370 8.89 23.16 13.00
N ASN A 371 7.78 22.56 12.56
CA ASN A 371 7.84 21.13 12.29
C ASN A 371 8.78 20.84 11.13
N THR A 372 8.71 21.65 10.06
CA THR A 372 9.65 21.50 8.97
C THR A 372 11.08 21.62 9.48
N ALA A 373 11.33 22.61 10.33
CA ALA A 373 12.69 22.77 10.85
C ALA A 373 13.10 21.53 11.65
N LYS A 374 12.20 21.01 12.49
CA LYS A 374 12.56 19.86 13.30
C LYS A 374 12.84 18.66 12.41
N ILE A 375 11.95 18.40 11.46
CA ILE A 375 12.08 17.20 10.63
C ILE A 375 13.40 17.22 9.88
N PHE A 376 13.79 18.38 9.35
CA PHE A 376 14.97 18.46 8.50
C PHE A 376 16.18 19.01 9.25
N ASN A 377 16.14 18.97 10.58
CA ASN A 377 17.30 19.20 11.43
C ASN A 377 17.78 20.65 11.35
N LEU A 378 16.81 21.56 11.22
CA LEU A 378 17.09 22.99 11.24
C LEU A 378 16.55 23.68 12.48
N PHE A 379 16.09 22.92 13.46
CA PHE A 379 15.56 23.49 14.69
C PHE A 379 16.60 23.39 15.79
N PRO A 380 16.90 24.47 16.55
CA PRO A 380 16.20 25.76 16.58
C PRO A 380 16.85 26.88 15.78
N ARG A 381 17.75 26.57 14.86
CA ARG A 381 18.25 27.61 13.97
C ARG A 381 17.10 28.33 13.28
N LYS A 382 16.11 27.57 12.82
CA LYS A 382 14.94 28.09 12.13
C LYS A 382 13.70 27.65 12.88
N GLY A 383 12.59 28.33 12.60
CA GLY A 383 11.32 27.95 13.18
C GLY A 383 11.20 28.21 14.67
N ALA A 384 12.09 29.03 15.22
CA ALA A 384 12.17 29.22 16.66
C ALA A 384 12.44 30.68 16.96
N ILE A 385 11.74 31.21 17.95
CA ILE A 385 12.02 32.56 18.44
C ILE A 385 12.81 32.37 19.74
N ARG A 386 14.13 32.41 19.61
CA ARG A 386 14.99 32.22 20.76
C ARG A 386 16.31 32.91 20.47
N VAL A 387 16.99 33.30 21.54
CA VAL A 387 18.27 33.98 21.35
C VAL A 387 19.21 33.05 20.60
N GLY A 388 19.83 33.57 19.55
CA GLY A 388 20.77 32.82 18.74
C GLY A 388 20.16 32.16 17.53
N ALA A 389 18.85 32.06 17.45
CA ALA A 389 18.20 31.55 16.26
C ALA A 389 18.33 32.56 15.13
N ASP A 390 18.22 32.07 13.89
CA ASP A 390 18.23 32.98 12.77
C ASP A 390 17.06 33.94 12.88
N ALA A 391 17.29 35.19 12.51
CA ALA A 391 16.25 36.22 12.65
C ALA A 391 15.36 36.22 11.40
N ASP A 392 14.59 35.13 11.31
CA ASP A 392 13.59 34.97 10.26
C ASP A 392 12.25 35.05 10.98
N LEU A 393 11.53 36.13 10.76
CA LEU A 393 10.33 36.39 11.55
C LEU A 393 9.27 36.98 10.65
N VAL A 394 8.03 36.78 11.04
CA VAL A 394 6.92 37.42 10.37
C VAL A 394 6.08 38.12 11.43
N LEU A 395 5.75 39.38 11.16
CA LEU A 395 4.83 40.13 11.98
C LEU A 395 3.47 40.02 11.33
N TRP A 396 2.49 39.57 12.10
CA TRP A 396 1.20 39.15 11.57
C TRP A 396 0.10 40.05 12.13
N ASP A 397 -0.67 40.64 11.21
CA ASP A 397 -1.79 41.49 11.61
C ASP A 397 -3.05 40.65 11.56
N PRO A 398 -3.59 40.21 12.71
CA PRO A 398 -4.77 39.34 12.66
C PRO A 398 -5.99 40.01 12.05
N GLN A 399 -6.01 41.34 11.99
CA GLN A 399 -7.16 42.03 11.43
C GLN A 399 -6.93 42.47 9.99
N GLY A 400 -5.71 42.31 9.47
CA GLY A 400 -5.42 42.71 8.11
C GLY A 400 -6.20 41.89 7.11
N SER A 401 -6.22 42.39 5.89
CA SER A 401 -6.99 41.77 4.83
C SER A 401 -6.13 41.74 3.58
N ARG A 402 -6.19 40.64 2.85
CA ARG A 402 -5.54 40.55 1.56
C ARG A 402 -6.45 39.80 0.60
N THR A 403 -6.55 40.30 -0.62
CA THR A 403 -7.29 39.63 -1.67
C THR A 403 -6.27 39.03 -2.64
N LEU A 404 -6.25 37.70 -2.71
CA LEU A 404 -5.31 37.03 -3.58
C LEU A 404 -5.70 37.20 -5.03
N SER A 405 -4.73 37.56 -5.86
CA SER A 405 -5.01 37.72 -7.28
C SER A 405 -3.71 37.64 -8.06
N ALA A 406 -3.76 36.95 -9.20
CA ALA A 406 -2.61 36.91 -10.07
C ALA A 406 -2.25 38.28 -10.60
N ALA A 407 -3.18 39.23 -10.59
CA ALA A 407 -2.86 40.57 -11.07
C ALA A 407 -2.03 41.35 -10.07
N THR A 408 -2.07 40.98 -8.79
CA THR A 408 -1.43 41.73 -7.73
C THR A 408 -0.39 40.95 -6.96
N HIS A 409 -0.34 39.62 -7.10
CA HIS A 409 0.63 38.91 -6.31
C HIS A 409 2.03 39.14 -6.88
N HIS A 410 3.03 38.79 -6.07
CA HIS A 410 4.41 38.97 -6.46
C HIS A 410 4.98 37.74 -7.14
N GLN A 411 4.21 36.65 -7.17
CA GLN A 411 4.66 35.44 -7.83
C GLN A 411 4.65 35.67 -9.34
N ARG A 412 5.77 35.33 -9.99
CA ARG A 412 5.93 35.59 -11.42
C ARG A 412 5.22 34.48 -12.19
N VAL A 413 3.89 34.54 -12.15
CA VAL A 413 3.03 33.60 -12.86
C VAL A 413 1.71 34.34 -13.06
N ASP A 414 0.99 33.97 -14.12
CA ASP A 414 -0.22 34.68 -14.49
C ASP A 414 -1.48 33.99 -13.98
N PHE A 415 -1.34 33.12 -13.00
CA PHE A 415 -2.49 32.39 -12.49
C PHE A 415 -2.33 32.22 -10.99
N ASN A 416 -3.41 32.42 -10.27
CA ASN A 416 -3.45 32.12 -8.84
C ASN A 416 -4.63 31.18 -8.60
N ILE A 417 -4.35 30.01 -8.02
CA ILE A 417 -5.41 29.03 -7.83
C ILE A 417 -6.42 29.47 -6.77
N PHE A 418 -6.16 30.58 -6.10
CA PHE A 418 -7.10 31.17 -5.15
C PHE A 418 -7.49 32.58 -5.60
N GLU A 419 -7.48 32.81 -6.91
CA GLU A 419 -7.91 34.09 -7.47
C GLU A 419 -9.19 34.59 -6.84
N GLY A 420 -9.15 35.82 -6.33
CA GLY A 420 -10.31 36.47 -5.74
C GLY A 420 -10.61 36.09 -4.31
N ARG A 421 -9.82 35.23 -3.69
CA ARG A 421 -10.08 34.84 -2.32
C ARG A 421 -9.56 35.93 -1.38
N THR A 422 -10.38 36.35 -0.45
CA THR A 422 -9.95 37.32 0.54
C THR A 422 -9.69 36.62 1.86
N VAL A 423 -8.50 36.85 2.41
CA VAL A 423 -8.08 36.22 3.66
C VAL A 423 -7.96 37.30 4.72
N ARG A 424 -8.27 36.92 5.95
CA ARG A 424 -8.14 37.83 7.08
C ARG A 424 -7.01 37.33 7.97
N GLY A 425 -6.05 38.20 8.25
CA GLY A 425 -4.85 37.77 8.93
C GLY A 425 -3.75 37.68 7.88
N ILE A 426 -2.85 38.64 7.88
CA ILE A 426 -1.84 38.75 6.82
C ILE A 426 -0.51 39.11 7.43
N PRO A 427 0.58 38.79 6.72
CA PRO A 427 1.90 39.26 7.15
C PRO A 427 2.04 40.74 6.84
N SER A 428 2.12 41.56 7.88
CA SER A 428 2.37 42.98 7.65
C SER A 428 3.83 43.24 7.39
N HIS A 429 4.71 42.45 7.99
CA HIS A 429 6.14 42.64 7.86
C HIS A 429 6.81 41.29 7.86
N THR A 430 7.87 41.15 7.07
CA THR A 430 8.66 39.93 7.06
C THR A 430 10.11 40.28 7.24
N ILE A 431 10.77 39.57 8.13
CA ILE A 431 12.15 39.81 8.50
C ILE A 431 12.95 38.56 8.14
N SER A 432 14.01 38.74 7.37
CA SER A 432 14.83 37.61 6.96
C SER A 432 16.28 38.00 7.19
N GLN A 433 17.04 37.13 7.86
CA GLN A 433 18.40 37.45 8.27
C GLN A 433 18.43 38.73 9.08
N GLY A 434 17.38 38.97 9.86
CA GLY A 434 17.32 40.16 10.68
C GLY A 434 17.03 41.43 9.92
N LYS A 435 16.75 41.35 8.63
CA LYS A 435 16.48 42.51 7.80
C LYS A 435 15.00 42.58 7.45
N LEU A 436 14.47 43.80 7.43
CA LEU A 436 13.06 44.02 7.12
C LEU A 436 12.92 44.01 5.59
N LEU A 437 12.41 42.90 5.06
CA LEU A 437 12.36 42.73 3.61
C LEU A 437 10.96 42.90 3.05
N TRP A 438 9.94 42.87 3.91
CA TRP A 438 8.57 43.14 3.51
C TRP A 438 7.97 44.03 4.58
N ALA A 439 7.44 45.17 4.17
CA ALA A 439 6.94 46.15 5.13
C ALA A 439 5.69 46.75 4.53
N ALA A 440 4.54 46.21 4.92
CA ALA A 440 3.23 46.76 4.62
C ALA A 440 3.11 47.16 3.15
N GLY A 441 3.36 46.20 2.27
CA GLY A 441 3.21 46.40 0.84
C GLY A 441 4.49 46.73 0.10
N ASP A 442 5.56 47.07 0.81
CA ASP A 442 6.85 47.39 0.21
C ASP A 442 7.73 46.16 0.31
N LEU A 443 8.07 45.59 -0.85
CA LEU A 443 8.97 44.44 -0.92
C LEU A 443 10.38 44.97 -1.17
N ARG A 444 11.31 44.58 -0.31
CA ARG A 444 12.69 45.05 -0.41
C ARG A 444 13.64 43.89 -0.64
N ALA A 445 13.15 42.84 -1.29
CA ALA A 445 14.00 41.70 -1.61
C ALA A 445 15.08 42.09 -2.60
N GLU A 446 16.29 41.56 -2.38
CA GLU A 446 17.43 41.87 -3.23
C GLU A 446 18.02 40.59 -3.79
N PRO A 447 18.26 40.52 -5.10
CA PRO A 447 18.85 39.30 -5.67
C PRO A 447 20.18 38.99 -5.00
N GLY A 448 20.35 37.72 -4.65
CA GLY A 448 21.59 37.23 -4.08
C GLY A 448 21.73 37.38 -2.59
N ALA A 449 20.74 37.95 -1.89
CA ALA A 449 20.89 38.18 -0.47
C ALA A 449 20.78 36.91 0.34
N GLY A 450 20.04 35.93 -0.16
CA GLY A 450 19.82 34.72 0.59
C GLY A 450 21.07 33.87 0.70
N ARG A 451 21.10 33.07 1.76
CA ARG A 451 22.20 32.15 1.97
C ARG A 451 21.76 30.73 1.67
N TYR A 452 22.68 29.95 1.12
CA TYR A 452 22.47 28.51 1.07
C TYR A 452 22.53 27.94 2.48
N VAL A 453 21.52 27.16 2.87
CA VAL A 453 21.38 26.68 4.24
C VAL A 453 21.70 25.20 4.27
N GLU A 454 22.76 24.83 4.98
CA GLU A 454 23.12 23.44 5.15
C GLU A 454 22.28 22.84 6.27
N ARG A 455 21.95 21.55 6.11
CA ARG A 455 21.16 20.84 7.09
C ARG A 455 21.94 19.63 7.56
N PRO A 456 22.31 19.56 8.84
CA PRO A 456 23.11 18.43 9.31
C PRO A 456 22.35 17.12 9.23
N ALA A 457 23.08 16.05 8.90
CA ALA A 457 22.52 14.72 8.91
C ALA A 457 22.18 14.29 10.34
N TYR A 458 21.46 13.18 10.45
CA TYR A 458 21.10 12.51 11.68
C TYR A 458 20.21 13.38 12.55
N PRO A 459 19.08 13.83 12.06
CA PRO A 459 18.06 14.38 12.97
C PRO A 459 17.77 13.37 14.06
N SER A 460 17.26 13.81 15.20
CA SER A 460 17.27 12.97 16.39
C SER A 460 16.43 11.70 16.23
N VAL A 461 15.52 11.66 15.26
CA VAL A 461 14.78 10.43 15.02
C VAL A 461 15.73 9.28 14.77
N TYR A 462 16.90 9.56 14.21
CA TYR A 462 17.83 8.49 13.92
C TYR A 462 18.45 7.92 15.19
N GLU A 463 18.51 8.70 16.26
CA GLU A 463 18.98 8.14 17.53
C GLU A 463 18.02 7.09 18.04
N VAL A 464 16.71 7.37 17.97
CA VAL A 464 15.71 6.41 18.42
C VAL A 464 15.72 5.17 17.53
N LEU A 465 15.68 5.35 16.21
CA LEU A 465 15.73 4.21 15.30
C LEU A 465 16.96 3.35 15.57
N GLY A 466 18.09 3.99 15.85
CA GLY A 466 19.30 3.22 16.14
C GLY A 466 19.14 2.33 17.36
N ARG A 467 18.51 2.86 18.42
CA ARG A 467 18.28 2.06 19.61
C ARG A 467 17.31 0.93 19.31
N ARG A 468 16.27 1.23 18.54
CA ARG A 468 15.34 0.21 18.08
C ARG A 468 16.05 -0.87 17.29
N ALA A 469 16.84 -0.46 16.29
CA ALA A 469 17.51 -1.45 15.45
C ALA A 469 18.43 -2.33 16.29
N GLU A 470 19.13 -1.73 17.25
CA GLU A 470 20.00 -2.51 18.11
C GLU A 470 19.21 -3.51 18.94
N ARG A 471 17.99 -3.14 19.34
CA ARG A 471 17.14 -4.05 20.11
C ARG A 471 16.61 -5.19 19.25
N GLN A 472 16.35 -4.94 17.96
CA GLN A 472 15.74 -5.93 17.09
C GLN A 472 16.75 -6.57 16.15
N ARG A 473 18.03 -6.55 16.50
CA ARG A 473 19.04 -7.22 15.71
C ARG A 473 18.65 -8.68 15.50
N PRO A 474 18.66 -9.18 14.27
CA PRO A 474 18.50 -10.62 14.08
C PRO A 474 19.54 -11.39 14.89
N VAL A 475 19.16 -12.57 15.37
CA VAL A 475 20.03 -13.39 16.21
C VAL A 475 19.82 -14.85 15.80
N ALA A 476 20.85 -15.46 15.23
CA ALA A 476 20.75 -16.83 14.73
C ALA A 476 20.58 -17.83 15.88
N VAL A 477 19.87 -18.91 15.58
CA VAL A 477 19.69 -20.03 16.51
C VAL A 477 20.82 -21.02 16.29
N GLU A 478 21.54 -21.36 17.36
CA GLU A 478 22.64 -22.31 17.24
C GLU A 478 22.10 -23.73 17.23
N ARG A 479 22.56 -24.51 16.26
CA ARG A 479 22.13 -25.91 16.11
C ARG A 479 23.34 -26.80 15.83
N SER B 2 -26.75 -45.22 -6.14
CA SER B 2 -27.08 -44.07 -5.33
C SER B 2 -26.67 -44.26 -3.87
N LEU B 3 -26.72 -43.16 -3.12
CA LEU B 3 -26.24 -43.12 -1.75
C LEU B 3 -27.17 -42.20 -0.97
N LEU B 4 -27.77 -42.74 0.07
CA LEU B 4 -28.76 -42.01 0.86
C LEU B 4 -28.13 -41.78 2.24
N ILE B 5 -27.89 -40.51 2.57
CA ILE B 5 -27.39 -40.16 3.89
C ILE B 5 -28.62 -39.88 4.76
N ARG B 6 -28.84 -40.70 5.77
CA ARG B 6 -30.08 -40.66 6.54
C ARG B 6 -29.81 -40.21 7.97
N GLY B 7 -30.69 -39.35 8.48
CA GLY B 7 -30.75 -39.04 9.90
C GLY B 7 -29.79 -37.98 10.38
N ALA B 8 -29.06 -37.33 9.49
CA ALA B 8 -28.10 -36.32 9.92
C ALA B 8 -28.78 -34.97 10.02
N THR B 9 -28.06 -34.00 10.59
CA THR B 9 -28.46 -32.60 10.53
C THR B 9 -27.73 -31.96 9.36
N VAL B 10 -28.49 -31.49 8.37
CA VAL B 10 -27.91 -30.76 7.27
C VAL B 10 -27.49 -29.39 7.78
N VAL B 11 -26.25 -29.01 7.49
CA VAL B 11 -25.72 -27.72 7.92
C VAL B 11 -25.19 -27.02 6.68
N THR B 12 -25.77 -25.88 6.36
CA THR B 12 -25.36 -25.09 5.22
C THR B 12 -24.59 -23.88 5.73
N HIS B 13 -24.29 -22.98 4.81
CA HIS B 13 -23.66 -21.71 5.15
C HIS B 13 -24.62 -20.76 5.85
N GLU B 14 -25.89 -21.13 6.02
CA GLU B 14 -26.88 -20.23 6.61
C GLU B 14 -27.77 -20.87 7.65
N GLU B 15 -27.98 -22.18 7.58
CA GLU B 15 -29.02 -22.78 8.41
C GLU B 15 -28.67 -24.22 8.73
N SER B 16 -29.41 -24.79 9.68
CA SER B 16 -29.30 -26.19 10.03
C SER B 16 -30.70 -26.78 10.02
N TYR B 17 -30.81 -28.03 9.58
CA TYR B 17 -32.12 -28.66 9.61
C TYR B 17 -31.94 -30.15 9.45
N ARG B 18 -32.88 -30.91 10.01
CA ARG B 18 -32.81 -32.37 9.94
C ARG B 18 -33.41 -32.82 8.62
N ALA B 19 -32.64 -33.58 7.85
CA ALA B 19 -33.14 -34.06 6.57
C ALA B 19 -32.22 -35.18 6.10
N ASP B 20 -32.78 -36.06 5.29
CA ASP B 20 -31.98 -37.02 4.58
C ASP B 20 -31.57 -36.44 3.23
N VAL B 21 -30.45 -36.92 2.72
CA VAL B 21 -29.94 -36.44 1.45
C VAL B 21 -29.67 -37.64 0.56
N LEU B 22 -30.29 -37.65 -0.61
CA LEU B 22 -30.15 -38.71 -1.59
C LEU B 22 -29.24 -38.24 -2.71
N CYS B 23 -28.20 -39.02 -2.98
CA CYS B 23 -27.29 -38.75 -4.09
C CYS B 23 -27.42 -39.85 -5.15
N ALA B 24 -27.33 -39.44 -6.41
CA ALA B 24 -27.30 -40.37 -7.52
C ALA B 24 -26.72 -39.65 -8.72
N ASN B 25 -25.94 -40.38 -9.53
CA ASN B 25 -25.44 -39.83 -10.78
C ASN B 25 -24.58 -38.59 -10.53
N GLY B 26 -23.81 -38.63 -9.44
CA GLY B 26 -22.94 -37.52 -9.09
C GLY B 26 -23.65 -36.31 -8.51
N LEU B 27 -24.97 -36.34 -8.36
CA LEU B 27 -25.73 -35.16 -7.96
C LEU B 27 -26.57 -35.43 -6.73
N ILE B 28 -26.88 -34.36 -6.02
CA ILE B 28 -27.91 -34.40 -4.98
C ILE B 28 -29.27 -34.50 -5.66
N GLN B 29 -29.96 -35.62 -5.44
CA GLN B 29 -31.23 -35.87 -6.12
C GLN B 29 -32.42 -35.43 -5.29
N ALA B 30 -32.36 -35.61 -3.98
CA ALA B 30 -33.48 -35.27 -3.12
C ALA B 30 -32.98 -34.89 -1.74
N ILE B 31 -33.76 -34.05 -1.06
CA ILE B 31 -33.49 -33.65 0.31
C ILE B 31 -34.82 -33.59 1.04
N GLY B 32 -34.90 -34.24 2.19
CA GLY B 32 -36.11 -34.16 2.99
C GLY B 32 -36.08 -35.11 4.16
N GLU B 33 -36.93 -34.91 5.15
CA GLU B 33 -37.02 -35.87 6.23
C GLU B 33 -37.60 -37.17 5.68
N ASN B 34 -37.07 -38.29 6.16
CA ASN B 34 -37.68 -39.59 5.89
C ASN B 34 -37.80 -39.86 4.39
N LEU B 35 -36.71 -39.59 3.66
CA LEU B 35 -36.72 -39.86 2.24
C LEU B 35 -36.92 -41.36 1.99
N GLU B 36 -37.66 -41.70 0.94
CA GLU B 36 -37.72 -43.10 0.58
C GLU B 36 -36.39 -43.52 -0.03
N THR B 37 -36.06 -44.79 0.14
CA THR B 37 -34.80 -45.33 -0.34
C THR B 37 -35.00 -45.98 -1.71
N PRO B 38 -34.36 -45.48 -2.76
CA PRO B 38 -34.42 -46.19 -4.06
C PRO B 38 -33.87 -47.59 -3.90
N SER B 39 -34.34 -48.49 -4.77
CA SER B 39 -33.97 -49.90 -4.63
C SER B 39 -32.47 -50.08 -4.80
N GLY B 40 -31.86 -50.85 -3.89
CA GLY B 40 -30.44 -51.13 -3.95
C GLY B 40 -29.54 -49.96 -3.62
N CYS B 41 -30.10 -48.82 -3.25
CA CYS B 41 -29.34 -47.64 -2.89
C CYS B 41 -28.65 -47.85 -1.54
N ASP B 42 -27.36 -47.52 -1.46
CA ASP B 42 -26.64 -47.63 -0.20
C ASP B 42 -27.14 -46.57 0.77
N VAL B 43 -27.08 -46.89 2.05
CA VAL B 43 -27.58 -46.01 3.10
C VAL B 43 -26.45 -45.76 4.10
N LEU B 44 -26.15 -44.49 4.33
CA LEU B 44 -25.18 -44.08 5.33
C LEU B 44 -25.93 -43.49 6.51
N ASP B 45 -25.68 -44.01 7.70
CA ASP B 45 -26.38 -43.56 8.90
C ASP B 45 -25.67 -42.34 9.44
N GLY B 46 -26.30 -41.17 9.34
CA GLY B 46 -25.69 -39.95 9.78
C GLY B 46 -26.23 -39.44 11.10
N GLY B 47 -26.88 -40.32 11.87
CA GLY B 47 -27.45 -39.93 13.15
C GLY B 47 -26.42 -39.28 14.05
N GLY B 48 -26.78 -38.15 14.65
CA GLY B 48 -25.88 -37.45 15.54
C GLY B 48 -24.71 -36.76 14.87
N GLN B 49 -24.71 -36.65 13.55
CA GLN B 49 -23.62 -36.03 12.81
C GLN B 49 -24.18 -34.88 11.98
N TYR B 50 -23.26 -34.08 11.43
CA TYR B 50 -23.63 -32.97 10.57
C TYR B 50 -23.24 -33.28 9.15
N LEU B 51 -24.17 -33.03 8.23
CA LEU B 51 -23.94 -33.23 6.81
C LEU B 51 -23.73 -31.86 6.18
N MET B 52 -22.52 -31.60 5.72
CA MET B 52 -22.17 -30.31 5.15
C MET B 52 -21.66 -30.46 3.73
N PRO B 53 -21.66 -29.39 2.94
CA PRO B 53 -20.96 -29.45 1.65
C PRO B 53 -19.51 -29.84 1.88
N GLY B 54 -18.98 -30.63 0.97
CA GLY B 54 -17.58 -30.98 1.05
C GLY B 54 -16.71 -29.76 0.93
N GLY B 55 -15.58 -29.78 1.63
CA GLY B 55 -14.68 -28.65 1.58
C GLY B 55 -14.15 -28.43 0.16
N ILE B 56 -13.98 -27.15 -0.18
CA ILE B 56 -13.31 -26.75 -1.42
C ILE B 56 -12.03 -26.04 -1.00
N ASP B 57 -10.89 -26.55 -1.44
CA ASP B 57 -9.60 -25.94 -1.13
C ASP B 57 -9.12 -25.19 -2.36
N PRO B 58 -9.26 -23.87 -2.42
CA PRO B 58 -8.95 -23.14 -3.66
C PRO B 58 -7.47 -22.84 -3.81
N HIS B 59 -6.62 -23.50 -3.02
CA HIS B 59 -5.20 -23.15 -3.04
C HIS B 59 -4.35 -24.39 -2.76
N THR B 60 -4.11 -25.18 -3.82
CA THR B 60 -3.22 -26.34 -3.71
C THR B 60 -2.19 -26.29 -4.81
N HIS B 61 -1.07 -26.99 -4.57
CA HIS B 61 0.05 -27.06 -5.50
C HIS B 61 0.52 -28.51 -5.63
N MET B 62 -0.38 -29.38 -6.09
CA MET B 62 -0.01 -30.79 -6.22
C MET B 62 1.15 -30.95 -7.19
N GLN B 63 2.14 -31.73 -6.77
CA GLN B 63 3.35 -32.02 -7.55
C GLN B 63 3.86 -30.81 -8.30
N LEU B 64 3.88 -29.66 -7.63
CA LEU B 64 4.36 -28.45 -8.27
C LEU B 64 5.89 -28.48 -8.38
N PRO B 65 6.45 -28.25 -9.56
CA PRO B 65 7.91 -28.02 -9.68
C PRO B 65 8.23 -26.61 -9.22
N PHE B 66 9.04 -26.50 -8.17
CA PHE B 66 9.20 -25.22 -7.50
C PHE B 66 10.49 -25.25 -6.71
N MET B 67 11.28 -24.18 -6.81
CA MET B 67 12.51 -24.01 -6.03
C MET B 67 13.40 -25.25 -6.11
N GLY B 68 13.64 -25.69 -7.35
CA GLY B 68 14.64 -26.71 -7.62
C GLY B 68 14.16 -28.14 -7.50
N THR B 69 12.89 -28.36 -7.17
CA THR B 69 12.40 -29.70 -6.93
C THR B 69 10.90 -29.75 -7.27
N VAL B 70 10.25 -30.85 -6.88
CA VAL B 70 8.85 -31.12 -7.21
C VAL B 70 8.14 -31.55 -5.94
N ALA B 71 7.02 -30.91 -5.63
CA ALA B 71 6.26 -31.26 -4.44
C ALA B 71 6.07 -32.77 -4.36
N SER B 72 6.28 -33.32 -3.16
CA SER B 72 6.22 -34.75 -2.92
C SER B 72 4.79 -35.29 -2.93
N GLU B 73 3.79 -34.42 -2.83
CA GLU B 73 2.40 -34.78 -2.99
C GLU B 73 2.01 -34.61 -4.45
N ASP B 74 1.44 -35.65 -5.07
CA ASP B 74 0.99 -35.49 -6.44
C ASP B 74 -0.53 -35.36 -6.46
N PHE B 75 -1.10 -35.24 -7.67
CA PHE B 75 -2.50 -34.88 -7.73
C PHE B 75 -3.40 -35.97 -7.17
N PHE B 76 -2.96 -37.24 -7.23
CA PHE B 76 -3.77 -38.29 -6.64
C PHE B 76 -3.61 -38.34 -5.12
N SER B 77 -2.38 -38.46 -4.64
CA SER B 77 -2.17 -38.53 -3.19
C SER B 77 -2.73 -37.28 -2.52
N GLY B 78 -2.62 -36.13 -3.17
CA GLY B 78 -3.13 -34.90 -2.57
C GLY B 78 -4.64 -34.86 -2.52
N THR B 79 -5.30 -35.13 -3.65
CA THR B 79 -6.76 -35.12 -3.64
C THR B 79 -7.31 -36.23 -2.74
N ALA B 80 -6.64 -37.38 -2.72
CA ALA B 80 -7.06 -38.45 -1.81
C ALA B 80 -6.96 -38.00 -0.36
N ALA B 81 -5.81 -37.42 0.01
CA ALA B 81 -5.65 -36.92 1.38
C ALA B 81 -6.70 -35.87 1.69
N GLY B 82 -7.02 -35.02 0.72
CA GLY B 82 -8.11 -34.07 0.92
C GLY B 82 -9.41 -34.77 1.24
N LEU B 83 -9.71 -35.84 0.52
CA LEU B 83 -10.93 -36.59 0.78
C LEU B 83 -10.95 -37.11 2.21
N ALA B 84 -9.84 -37.69 2.66
CA ALA B 84 -9.77 -38.18 4.04
C ALA B 84 -10.09 -37.08 5.04
N GLY B 85 -9.77 -35.83 4.69
CA GLY B 85 -10.01 -34.70 5.56
C GLY B 85 -11.30 -33.95 5.33
N GLY B 86 -12.19 -34.45 4.48
CA GLY B 86 -13.45 -33.80 4.24
C GLY B 86 -13.47 -32.83 3.07
N THR B 87 -12.34 -32.65 2.38
CA THR B 87 -12.26 -31.73 1.26
C THR B 87 -12.51 -32.51 -0.03
N THR B 88 -13.50 -32.08 -0.80
CA THR B 88 -13.95 -32.82 -1.97
C THR B 88 -13.53 -32.19 -3.30
N SER B 89 -13.03 -30.97 -3.32
CA SER B 89 -12.51 -30.47 -4.58
C SER B 89 -11.45 -29.43 -4.28
N ILE B 90 -10.60 -29.20 -5.27
CA ILE B 90 -9.47 -28.30 -5.15
C ILE B 90 -9.48 -27.35 -6.35
N ILE B 91 -8.85 -26.21 -6.17
CA ILE B 91 -8.40 -25.38 -7.28
C ILE B 91 -6.90 -25.25 -7.11
N ASP B 92 -6.18 -25.72 -8.10
CA ASP B 92 -4.73 -25.76 -8.11
C ASP B 92 -4.26 -24.64 -9.02
N PHE B 93 -2.97 -24.62 -9.34
CA PHE B 93 -2.36 -23.52 -10.08
C PHE B 93 -1.53 -24.04 -11.24
N VAL B 94 -1.90 -23.64 -12.45
CA VAL B 94 -0.99 -23.70 -13.59
C VAL B 94 0.00 -22.56 -13.44
N ILE B 95 1.29 -22.90 -13.33
CA ILE B 95 2.29 -21.85 -13.20
C ILE B 95 3.27 -21.96 -14.37
N PRO B 96 2.98 -21.32 -15.50
CA PRO B 96 3.93 -21.32 -16.61
C PRO B 96 5.23 -20.64 -16.19
N ASN B 97 6.35 -21.19 -16.67
CA ASN B 97 7.60 -20.46 -16.51
C ASN B 97 7.52 -19.17 -17.30
N PRO B 98 8.31 -18.16 -16.92
CA PRO B 98 8.34 -16.94 -17.71
C PRO B 98 8.67 -17.27 -19.16
N ARG B 99 7.96 -16.61 -20.09
CA ARG B 99 8.07 -16.81 -21.53
C ARG B 99 7.48 -18.13 -22.00
N GLN B 100 6.90 -18.94 -21.12
CA GLN B 100 6.27 -20.19 -21.51
C GLN B 100 4.79 -19.96 -21.82
N SER B 101 4.31 -20.59 -22.89
CA SER B 101 2.90 -20.45 -23.26
C SER B 101 2.00 -20.90 -22.12
N LEU B 102 0.97 -20.09 -21.85
CA LEU B 102 -0.02 -20.46 -20.83
C LEU B 102 -0.78 -21.70 -21.23
N LEU B 103 -1.16 -21.80 -22.50
CA LEU B 103 -1.91 -22.98 -22.95
C LEU B 103 -1.05 -24.23 -22.81
N GLU B 104 0.23 -24.13 -23.17
CA GLU B 104 1.13 -25.27 -23.03
C GLU B 104 1.23 -25.71 -21.58
N ALA B 105 1.47 -24.76 -20.68
CA ALA B 105 1.51 -25.09 -19.26
C ALA B 105 0.18 -25.66 -18.80
N PHE B 106 -0.93 -25.08 -19.28
CA PHE B 106 -2.25 -25.57 -18.90
C PHE B 106 -2.43 -27.03 -19.27
N HIS B 107 -2.14 -27.39 -20.52
CA HIS B 107 -2.32 -28.78 -20.92
C HIS B 107 -1.35 -29.70 -20.19
N THR B 108 -0.15 -29.23 -19.86
CA THR B 108 0.75 -30.04 -19.05
C THR B 108 0.14 -30.32 -17.69
N TRP B 109 -0.37 -29.26 -17.02
CA TRP B 109 -0.99 -29.45 -15.71
C TRP B 109 -2.22 -30.33 -15.80
N ARG B 110 -3.05 -30.13 -16.84
CA ARG B 110 -4.18 -31.02 -17.06
C ARG B 110 -3.72 -32.47 -17.10
N GLY B 111 -2.57 -32.71 -17.73
CA GLY B 111 -2.02 -34.06 -17.74
C GLY B 111 -1.62 -34.53 -16.36
N TRP B 112 -0.84 -33.71 -15.65
CA TRP B 112 -0.47 -34.05 -14.28
C TRP B 112 -1.69 -34.30 -13.41
N ALA B 113 -2.76 -33.50 -13.62
CA ALA B 113 -3.92 -33.60 -12.75
C ALA B 113 -4.89 -34.70 -13.13
N GLN B 114 -4.66 -35.39 -14.25
CA GLN B 114 -5.59 -36.46 -14.66
C GLN B 114 -5.79 -37.47 -13.54
N LYS B 115 -4.73 -37.76 -12.79
CA LYS B 115 -4.77 -38.78 -11.74
C LYS B 115 -5.56 -38.36 -10.52
N SER B 116 -6.10 -37.15 -10.48
CA SER B 116 -6.86 -36.67 -9.33
C SER B 116 -7.98 -37.63 -8.97
N ALA B 117 -8.18 -37.83 -7.66
CA ALA B 117 -9.25 -38.69 -7.15
C ALA B 117 -10.53 -37.93 -6.88
N ALA B 118 -10.51 -36.60 -6.94
CA ALA B 118 -11.67 -35.77 -6.70
C ALA B 118 -11.65 -34.61 -7.68
N ASP B 119 -12.77 -33.88 -7.73
CA ASP B 119 -12.89 -32.80 -8.69
C ASP B 119 -11.80 -31.77 -8.46
N TYR B 120 -11.32 -31.18 -9.55
CA TYR B 120 -10.21 -30.25 -9.49
C TYR B 120 -10.36 -29.22 -10.59
N GLY B 121 -9.83 -28.03 -10.33
CA GLY B 121 -9.79 -26.95 -11.29
C GLY B 121 -8.47 -26.23 -11.17
N PHE B 122 -8.31 -25.21 -12.00
CA PHE B 122 -7.07 -24.47 -12.06
C PHE B 122 -7.32 -22.98 -12.06
N HIS B 123 -6.56 -22.28 -11.23
CA HIS B 123 -6.14 -20.93 -11.58
C HIS B 123 -4.94 -21.00 -12.51
N VAL B 124 -4.76 -19.98 -13.33
CA VAL B 124 -3.59 -19.88 -14.19
C VAL B 124 -2.80 -18.66 -13.75
N ALA B 125 -1.54 -18.88 -13.42
CA ALA B 125 -0.66 -17.79 -12.99
C ALA B 125 -0.11 -17.03 -14.20
N ILE B 126 -0.01 -15.71 -14.03
CA ILE B 126 0.50 -14.82 -15.06
C ILE B 126 1.92 -14.48 -14.62
N THR B 127 2.89 -15.24 -15.11
CA THR B 127 4.28 -15.13 -14.71
C THR B 127 5.10 -14.33 -15.72
N TRP B 128 4.48 -13.85 -16.77
CA TRP B 128 5.09 -12.91 -17.70
C TRP B 128 3.96 -12.28 -18.50
N TRP B 129 4.33 -11.40 -19.43
CA TRP B 129 3.30 -10.70 -20.19
C TRP B 129 3.73 -10.50 -21.63
N SER B 130 2.75 -10.64 -22.53
CA SER B 130 2.89 -10.31 -23.94
C SER B 130 1.50 -10.29 -24.53
N ASP B 131 1.40 -9.84 -25.78
CA ASP B 131 0.13 -9.94 -26.48
C ASP B 131 -0.38 -11.38 -26.52
N GLU B 132 0.55 -12.34 -26.60
CA GLU B 132 0.15 -13.74 -26.64
C GLU B 132 -0.39 -14.20 -25.28
N VAL B 133 0.24 -13.76 -24.18
CA VAL B 133 -0.33 -14.08 -22.87
C VAL B 133 -1.75 -13.56 -22.79
N ALA B 134 -1.97 -12.30 -23.20
CA ALA B 134 -3.32 -11.74 -23.17
C ALA B 134 -4.26 -12.55 -24.06
N ARG B 135 -3.79 -12.98 -25.23
CA ARG B 135 -4.63 -13.79 -26.10
C ARG B 135 -4.93 -15.14 -25.46
N GLU B 136 -3.91 -15.79 -24.90
CA GLU B 136 -4.10 -17.10 -24.29
C GLU B 136 -5.04 -17.04 -23.08
N MET B 137 -4.94 -15.96 -22.28
CA MET B 137 -5.88 -15.83 -21.18
C MET B 137 -7.31 -15.91 -21.68
N GLY B 138 -7.60 -15.20 -22.79
CA GLY B 138 -8.93 -15.27 -23.36
C GLY B 138 -9.34 -16.69 -23.71
N GLU B 139 -8.43 -17.46 -24.30
CA GLU B 139 -8.77 -18.84 -24.64
C GLU B 139 -9.01 -19.69 -23.41
N LEU B 140 -8.20 -19.48 -22.37
CA LEU B 140 -8.37 -20.26 -21.14
C LEU B 140 -9.76 -20.02 -20.55
N VAL B 141 -10.24 -18.78 -20.61
CA VAL B 141 -11.57 -18.47 -20.07
C VAL B 141 -12.65 -19.01 -21.00
N ALA B 142 -12.52 -18.74 -22.30
CA ALA B 142 -13.59 -19.09 -23.23
C ALA B 142 -13.66 -20.59 -23.48
N GLN B 143 -12.51 -21.27 -23.53
CA GLN B 143 -12.46 -22.66 -23.98
C GLN B 143 -12.13 -23.65 -22.88
N HIS B 144 -11.39 -23.25 -21.86
CA HIS B 144 -10.81 -24.22 -20.94
C HIS B 144 -11.30 -24.07 -19.50
N GLY B 145 -12.38 -23.32 -19.29
CA GLY B 145 -13.02 -23.29 -17.98
C GLY B 145 -12.23 -22.62 -16.88
N VAL B 146 -11.24 -21.81 -17.23
CA VAL B 146 -10.51 -21.02 -16.24
C VAL B 146 -11.18 -19.66 -16.09
N ASN B 147 -11.38 -19.21 -14.84
CA ASN B 147 -11.95 -17.87 -14.68
C ASN B 147 -11.22 -17.09 -13.60
N SER B 148 -10.00 -17.49 -13.27
CA SER B 148 -9.21 -16.80 -12.25
C SER B 148 -7.74 -16.90 -12.62
N PHE B 149 -7.04 -15.77 -12.51
CA PHE B 149 -5.64 -15.72 -12.86
C PHE B 149 -4.84 -15.24 -11.67
N HIS B 151 -1.40 -14.01 -9.65
CA HIS B 151 -0.22 -13.18 -9.83
C HIS B 151 0.64 -13.27 -8.59
N PHE B 152 1.94 -13.46 -8.78
CA PHE B 152 2.90 -13.49 -7.68
C PHE B 152 3.60 -12.15 -7.63
N MET B 153 3.45 -11.44 -6.51
CA MET B 153 4.16 -10.18 -6.35
C MET B 153 5.53 -10.36 -5.72
N ALA B 154 5.84 -11.56 -5.23
CA ALA B 154 7.18 -11.87 -4.73
C ALA B 154 7.84 -12.83 -5.71
N TYR B 155 8.90 -13.50 -5.24
CA TYR B 155 9.68 -14.44 -6.06
C TYR B 155 10.34 -13.71 -7.22
N LYS B 156 11.06 -12.64 -6.88
CA LYS B 156 11.80 -11.86 -7.86
C LYS B 156 12.80 -12.75 -8.59
N ASN B 157 13.05 -12.41 -9.84
CA ASN B 157 13.91 -13.17 -10.75
C ASN B 157 13.36 -14.55 -11.07
N ALA B 158 12.11 -14.83 -10.72
CA ALA B 158 11.45 -16.07 -11.10
C ALA B 158 10.08 -15.75 -11.68
N ILE B 159 9.03 -15.88 -10.86
CA ILE B 159 7.66 -15.76 -11.35
C ILE B 159 7.01 -14.43 -10.94
N MET B 160 7.80 -13.47 -10.46
CA MET B 160 7.24 -12.23 -9.93
C MET B 160 6.67 -11.35 -11.04
N ALA B 161 5.47 -10.80 -10.79
CA ALA B 161 4.84 -9.85 -11.69
C ALA B 161 4.98 -8.44 -11.12
N ALA B 162 5.61 -7.55 -11.89
CA ALA B 162 5.71 -6.15 -11.48
C ALA B 162 4.42 -5.40 -11.83
N ASP B 163 4.37 -4.13 -11.42
CA ASP B 163 3.14 -3.36 -11.63
C ASP B 163 2.70 -3.35 -13.08
N ASP B 164 3.65 -3.24 -14.01
CA ASP B 164 3.25 -3.18 -15.42
C ASP B 164 2.48 -4.43 -15.82
N THR B 165 2.91 -5.59 -15.35
CA THR B 165 2.19 -6.82 -15.66
C THR B 165 0.88 -6.91 -14.89
N LEU B 166 0.89 -6.53 -13.61
CA LEU B 166 -0.34 -6.56 -12.83
C LEU B 166 -1.41 -5.70 -13.48
N VAL B 167 -1.04 -4.51 -13.95
CA VAL B 167 -2.01 -3.63 -14.60
C VAL B 167 -2.52 -4.26 -15.87
N ALA B 168 -1.62 -4.69 -16.75
CA ALA B 168 -2.07 -5.26 -18.01
C ALA B 168 -2.92 -6.49 -17.77
N SER B 169 -2.51 -7.34 -16.82
CA SER B 169 -3.21 -8.59 -16.59
C SER B 169 -4.56 -8.35 -15.92
N PHE B 170 -4.61 -7.49 -14.89
CA PHE B 170 -5.89 -7.17 -14.28
C PHE B 170 -6.85 -6.60 -15.32
N GLU B 171 -6.34 -5.72 -16.19
CA GLU B 171 -7.19 -5.17 -17.24
C GLU B 171 -7.75 -6.30 -18.11
N ARG B 172 -6.90 -7.26 -18.47
CA ARG B 172 -7.35 -8.40 -19.25
C ARG B 172 -8.41 -9.19 -18.48
N CYS B 173 -8.20 -9.34 -17.18
CA CYS B 173 -9.16 -10.05 -16.34
C CYS B 173 -10.52 -9.38 -16.42
N LEU B 174 -10.53 -8.06 -16.29
CA LEU B 174 -11.77 -7.30 -16.44
C LEU B 174 -12.46 -7.65 -17.76
N GLU B 175 -11.70 -7.58 -18.87
CA GLU B 175 -12.28 -7.84 -20.18
C GLU B 175 -12.87 -9.23 -20.26
N LEU B 176 -12.28 -10.20 -19.58
CA LEU B 176 -12.68 -11.59 -19.66
C LEU B 176 -13.69 -11.99 -18.58
N GLY B 177 -13.97 -11.10 -17.63
CA GLY B 177 -14.81 -11.49 -16.52
C GLY B 177 -14.12 -12.47 -15.61
N ALA B 178 -12.80 -12.41 -15.53
CA ALA B 178 -12.01 -13.30 -14.70
C ALA B 178 -11.61 -12.61 -13.40
N VAL B 179 -11.42 -13.40 -12.35
CA VAL B 179 -11.08 -12.90 -11.03
C VAL B 179 -9.56 -12.87 -10.92
N PRO B 180 -8.94 -11.71 -10.76
CA PRO B 180 -7.51 -11.68 -10.45
C PRO B 180 -7.28 -12.14 -9.02
N THR B 181 -6.25 -12.97 -8.84
CA THR B 181 -5.82 -13.35 -7.51
C THR B 181 -4.33 -13.06 -7.38
N VAL B 182 -3.90 -12.78 -6.16
CA VAL B 182 -2.53 -12.34 -5.96
C VAL B 182 -1.94 -13.01 -4.74
N HIS B 183 -0.68 -13.44 -4.86
CA HIS B 183 0.20 -13.68 -3.73
C HIS B 183 0.85 -12.34 -3.39
N ALA B 184 0.47 -11.77 -2.26
CA ALA B 184 0.85 -10.40 -1.94
C ALA B 184 2.03 -10.41 -0.97
N GLU B 185 3.23 -10.25 -1.53
CA GLU B 185 4.41 -9.87 -0.78
C GLU B 185 5.21 -8.96 -1.69
N ASN B 186 5.81 -7.91 -1.12
CA ASN B 186 6.65 -7.05 -1.94
C ASN B 186 7.93 -7.80 -2.31
N GLY B 187 8.07 -8.13 -3.60
CA GLY B 187 9.18 -8.97 -4.03
C GLY B 187 10.53 -8.30 -3.89
N GLU B 188 10.59 -6.98 -4.09
CA GLU B 188 11.87 -6.30 -3.94
C GLU B 188 12.34 -6.31 -2.50
N LEU B 189 11.41 -6.08 -1.55
CA LEU B 189 11.80 -6.10 -0.16
C LEU B 189 12.24 -7.50 0.27
N VAL B 190 11.52 -8.52 -0.18
CA VAL B 190 11.89 -9.89 0.18
C VAL B 190 13.30 -10.20 -0.33
N PHE B 191 13.54 -9.87 -1.60
CA PHE B 191 14.84 -10.13 -2.20
C PHE B 191 15.93 -9.36 -1.47
N HIS B 192 15.69 -8.08 -1.20
CA HIS B 192 16.66 -7.27 -0.49
C HIS B 192 16.98 -7.87 0.88
N LEU B 193 15.95 -8.26 1.63
CA LEU B 193 16.18 -8.76 2.99
C LEU B 193 16.82 -10.15 2.97
N GLN B 194 16.40 -11.00 2.04
CA GLN B 194 17.06 -12.30 1.91
C GLN B 194 18.56 -12.12 1.75
N GLN B 195 18.96 -11.25 0.80
CA GLN B 195 20.38 -11.03 0.56
C GLN B 195 21.06 -10.41 1.77
N LYS B 196 20.39 -9.45 2.42
CA LYS B 196 21.00 -8.81 3.59
C LYS B 196 21.19 -9.81 4.73
N LEU B 197 20.18 -10.63 5.00
CA LEU B 197 20.30 -11.61 6.08
C LEU B 197 21.38 -12.64 5.75
N LEU B 198 21.39 -13.14 4.52
CA LEU B 198 22.44 -14.07 4.13
C LEU B 198 23.81 -13.42 4.24
N ALA B 199 23.95 -12.20 3.73
CA ALA B 199 25.21 -11.47 3.85
C ALA B 199 25.65 -11.32 5.30
N GLN B 200 24.69 -11.20 6.22
CA GLN B 200 25.04 -11.17 7.63
C GLN B 200 25.32 -12.56 8.20
N GLY B 201 25.27 -13.60 7.39
CA GLY B 201 25.49 -14.94 7.89
C GLY B 201 24.30 -15.58 8.56
N LEU B 202 23.12 -14.95 8.51
CA LEU B 202 21.91 -15.54 9.07
C LEU B 202 21.29 -16.43 8.00
N THR B 203 21.66 -17.71 8.03
CA THR B 203 21.27 -18.64 6.99
C THR B 203 20.19 -19.61 7.42
N GLY B 204 19.84 -19.66 8.70
CA GLY B 204 18.90 -20.63 9.20
C GLY B 204 17.47 -20.26 8.89
N PRO B 205 16.56 -21.21 9.15
CA PRO B 205 15.13 -20.95 8.90
C PRO B 205 14.59 -19.79 9.72
N GLU B 206 15.21 -19.48 10.85
CA GLU B 206 14.76 -18.33 11.64
C GLU B 206 14.91 -17.02 10.87
N ALA B 207 15.77 -16.98 9.85
CA ALA B 207 15.87 -15.78 9.04
C ALA B 207 14.76 -15.67 8.00
N HIS B 208 14.07 -16.77 7.73
CA HIS B 208 12.98 -16.75 6.75
C HIS B 208 11.88 -15.75 7.12
N PRO B 209 11.29 -15.81 8.32
CA PRO B 209 10.31 -14.76 8.67
C PRO B 209 10.90 -13.36 8.63
N LEU B 210 12.15 -13.22 9.08
CA LEU B 210 12.80 -11.91 9.07
C LEU B 210 12.98 -11.37 7.66
N SER B 211 13.11 -12.26 6.67
CA SER B 211 13.32 -11.84 5.29
C SER B 211 12.05 -11.30 4.64
N ARG B 212 10.90 -11.41 5.30
CA ARG B 212 9.66 -10.97 4.68
C ARG B 212 8.64 -10.69 5.78
N PRO B 213 8.89 -9.66 6.59
CA PRO B 213 8.01 -9.39 7.73
C PRO B 213 6.64 -8.95 7.26
N PRO B 214 5.66 -8.93 8.16
CA PRO B 214 4.26 -8.72 7.75
C PRO B 214 4.02 -7.49 6.91
N GLN B 215 4.75 -6.40 7.12
CA GLN B 215 4.45 -5.23 6.31
C GLN B 215 4.77 -5.45 4.84
N VAL B 216 5.62 -6.43 4.48
CA VAL B 216 5.86 -6.63 3.05
C VAL B 216 4.64 -7.29 2.41
N GLU B 217 3.88 -8.06 3.19
CA GLU B 217 2.58 -8.53 2.73
C GLU B 217 1.54 -7.42 2.74
N GLY B 218 1.46 -6.66 3.84
CA GLY B 218 0.54 -5.52 3.87
C GLY B 218 0.74 -4.59 2.68
N GLU B 219 1.99 -4.27 2.37
CA GLU B 219 2.24 -3.36 1.25
C GLU B 219 1.70 -3.95 -0.05
N ALA B 220 2.06 -5.20 -0.33
CA ALA B 220 1.66 -5.80 -1.60
C ALA B 220 0.14 -5.93 -1.68
N ALA B 221 -0.50 -6.26 -0.56
CA ALA B 221 -1.96 -6.28 -0.54
C ALA B 221 -2.53 -4.93 -0.89
N SER B 222 -2.04 -3.85 -0.25
CA SER B 222 -2.47 -2.51 -0.63
C SER B 222 -2.34 -2.27 -2.13
N ARG B 223 -1.19 -2.68 -2.70
CA ARG B 223 -0.92 -2.38 -4.10
C ARG B 223 -1.86 -3.15 -5.02
N ALA B 224 -1.99 -4.46 -4.80
CA ALA B 224 -2.92 -5.24 -5.61
C ALA B 224 -4.34 -4.69 -5.47
N ILE B 225 -4.74 -4.37 -4.25
CA ILE B 225 -6.08 -3.82 -4.01
C ILE B 225 -6.28 -2.54 -4.79
N ARG B 226 -5.30 -1.64 -4.77
CA ARG B 226 -5.55 -0.37 -5.41
C ARG B 226 -5.37 -0.44 -6.93
N ILE B 227 -4.61 -1.40 -7.45
CA ILE B 227 -4.64 -1.66 -8.88
C ILE B 227 -6.02 -2.18 -9.28
N ALA B 228 -6.54 -3.13 -8.51
CA ALA B 228 -7.89 -3.63 -8.78
C ALA B 228 -8.93 -2.51 -8.71
N GLU B 229 -8.83 -1.65 -7.70
CA GLU B 229 -9.77 -0.54 -7.59
C GLU B 229 -9.68 0.35 -8.82
N THR B 230 -8.45 0.68 -9.23
CA THR B 230 -8.24 1.61 -10.32
C THR B 230 -8.69 1.03 -11.66
N LEU B 231 -8.50 -0.26 -11.86
CA LEU B 231 -8.91 -0.89 -13.10
C LEU B 231 -10.35 -1.38 -13.06
N GLY B 232 -10.93 -1.49 -11.87
CA GLY B 232 -12.33 -1.87 -11.79
C GLY B 232 -12.57 -3.35 -11.76
N THR B 233 -11.68 -4.11 -11.14
CA THR B 233 -11.83 -5.55 -11.00
C THR B 233 -12.07 -5.92 -9.55
N PRO B 234 -12.66 -7.07 -9.32
CA PRO B 234 -12.57 -7.67 -7.98
C PRO B 234 -11.15 -8.14 -7.76
N LEU B 235 -10.86 -8.64 -6.57
CA LEU B 235 -9.53 -9.11 -6.26
C LEU B 235 -9.64 -10.16 -5.17
N TYR B 236 -8.91 -11.24 -5.34
CA TYR B 236 -8.84 -12.30 -4.35
C TYR B 236 -7.39 -12.40 -3.89
N LEU B 237 -7.17 -12.15 -2.61
CA LEU B 237 -5.83 -12.24 -2.05
C LEU B 237 -5.64 -13.60 -1.39
N VAL B 238 -4.66 -14.36 -1.87
CA VAL B 238 -4.43 -15.68 -1.31
C VAL B 238 -3.70 -15.55 0.04
N HIS B 239 -3.85 -16.59 0.86
CA HIS B 239 -3.19 -16.78 2.15
C HIS B 239 -2.78 -15.47 2.83
N ILE B 240 -3.77 -14.70 3.28
CA ILE B 240 -3.49 -13.54 4.13
C ILE B 240 -2.99 -14.04 5.48
N SER B 241 -1.87 -13.47 5.92
CA SER B 241 -1.27 -13.90 7.16
C SER B 241 -1.10 -12.77 8.16
N SER B 242 -1.29 -11.53 7.73
CA SER B 242 -0.87 -10.37 8.49
C SER B 242 -2.04 -9.46 8.82
N ARG B 243 -1.95 -8.84 10.00
CA ARG B 243 -2.87 -7.77 10.34
C ARG B 243 -2.83 -6.67 9.29
N GLU B 244 -1.61 -6.35 8.81
CA GLU B 244 -1.46 -5.28 7.83
C GLU B 244 -2.28 -5.56 6.58
N ALA B 245 -2.15 -6.76 6.03
CA ALA B 245 -2.90 -7.05 4.81
C ALA B 245 -4.39 -7.15 5.10
N LEU B 246 -4.76 -7.76 6.23
CA LEU B 246 -6.17 -7.81 6.58
C LEU B 246 -6.74 -6.42 6.66
N ASP B 247 -6.01 -5.49 7.28
CA ASP B 247 -6.53 -4.14 7.43
C ASP B 247 -6.71 -3.48 6.08
N GLU B 248 -5.84 -3.79 5.10
CA GLU B 248 -6.04 -3.25 3.77
C GLU B 248 -7.28 -3.83 3.11
N ILE B 249 -7.53 -5.12 3.29
CA ILE B 249 -8.76 -5.70 2.76
C ILE B 249 -9.96 -5.02 3.37
N ALA B 250 -9.97 -4.93 4.71
CA ALA B 250 -11.11 -4.30 5.38
C ALA B 250 -11.28 -2.87 4.92
N TYR B 251 -10.20 -2.15 4.73
CA TYR B 251 -10.28 -0.78 4.27
C TYR B 251 -10.92 -0.70 2.89
N ALA B 252 -10.51 -1.58 2.01
CA ALA B 252 -11.05 -1.60 0.68
C ALA B 252 -12.52 -2.01 0.69
N ARG B 253 -12.85 -2.98 1.52
CA ARG B 253 -14.24 -3.43 1.60
C ARG B 253 -15.12 -2.33 2.13
N ALA B 254 -14.61 -1.55 3.06
CA ALA B 254 -15.29 -0.39 3.57
C ALA B 254 -15.43 0.80 2.56
N LYS B 255 -14.77 0.75 1.42
CA LYS B 255 -14.89 1.68 0.33
C LYS B 255 -15.80 1.08 -0.76
N GLY B 256 -16.42 -0.06 -0.47
CA GLY B 256 -17.27 -0.72 -1.42
C GLY B 256 -16.57 -1.51 -2.50
N GLN B 257 -15.35 -1.97 -2.25
CA GLN B 257 -14.63 -2.68 -3.28
C GLN B 257 -14.70 -4.17 -3.03
N PRO B 258 -14.96 -4.93 -4.10
CA PRO B 258 -15.03 -6.39 -3.97
C PRO B 258 -13.65 -7.00 -3.82
N VAL B 259 -13.18 -7.13 -2.58
CA VAL B 259 -11.90 -7.74 -2.27
C VAL B 259 -12.15 -8.92 -1.35
N TYR B 260 -11.58 -10.07 -1.70
CA TYR B 260 -11.75 -11.29 -0.95
C TYR B 260 -10.42 -11.71 -0.35
N GLY B 261 -10.49 -12.27 0.83
CA GLY B 261 -9.31 -12.73 1.54
C GLY B 261 -9.39 -14.23 1.85
N GLU B 262 -8.30 -14.90 1.58
CA GLU B 262 -8.13 -16.32 1.85
C GLU B 262 -7.21 -16.48 3.04
N VAL B 263 -7.48 -17.47 3.89
CA VAL B 263 -6.60 -17.69 5.02
C VAL B 263 -6.37 -19.19 5.20
N LEU B 264 -5.18 -19.53 5.70
CA LEU B 264 -4.79 -20.90 5.99
C LEU B 264 -4.86 -21.17 7.49
N ALA B 265 -5.20 -22.41 7.84
CA ALA B 265 -5.20 -22.78 9.26
C ALA B 265 -3.86 -22.45 9.91
N GLY B 266 -2.76 -22.69 9.21
CA GLY B 266 -1.45 -22.42 9.79
C GLY B 266 -1.32 -20.98 10.24
N HIS B 267 -1.82 -20.05 9.43
CA HIS B 267 -1.69 -18.64 9.80
C HIS B 267 -2.70 -18.23 10.86
N LEU B 268 -3.74 -19.04 11.09
CA LEU B 268 -4.67 -18.78 12.16
C LEU B 268 -4.16 -19.32 13.50
N LEU B 269 -3.26 -20.29 13.47
CA LEU B 269 -2.97 -21.07 14.67
C LEU B 269 -1.48 -21.16 15.03
N LEU B 270 -0.58 -20.79 14.14
CA LEU B 270 0.85 -20.89 14.41
C LEU B 270 1.45 -19.48 14.43
N ASP B 271 2.54 -19.34 15.18
CA ASP B 271 3.27 -18.08 15.21
C ASP B 271 4.69 -18.32 14.75
N ASP B 272 5.42 -17.22 14.54
CA ASP B 272 6.75 -17.34 13.94
C ASP B 272 7.78 -17.98 14.86
N SER B 273 7.44 -18.30 16.11
CA SER B 273 8.42 -18.98 16.96
C SER B 273 8.78 -20.35 16.41
N VAL B 274 7.93 -20.90 15.53
CA VAL B 274 8.23 -22.22 14.98
C VAL B 274 9.57 -22.20 14.25
N TYR B 275 9.95 -21.07 13.66
CA TYR B 275 11.18 -21.02 12.88
C TYR B 275 12.42 -21.03 13.74
N ARG B 276 12.28 -20.81 15.04
CA ARG B 276 13.42 -20.83 15.94
C ARG B 276 13.59 -22.18 16.61
N HIS B 277 12.85 -23.20 16.17
CA HIS B 277 12.95 -24.50 16.80
C HIS B 277 14.40 -24.98 16.76
N PRO B 278 14.90 -25.59 17.84
CA PRO B 278 16.29 -26.03 17.85
C PRO B 278 16.63 -27.02 16.75
N ASP B 279 15.69 -27.84 16.33
CA ASP B 279 15.94 -28.84 15.29
C ASP B 279 15.74 -28.21 13.91
N TRP B 280 16.79 -28.23 13.11
CA TRP B 280 16.73 -27.55 11.81
C TRP B 280 15.58 -28.06 10.95
N ALA B 281 15.47 -29.39 10.81
CA ALA B 281 14.44 -29.96 9.97
C ALA B 281 13.04 -29.55 10.45
N THR B 282 12.86 -29.46 11.77
CA THR B 282 11.57 -29.06 12.32
C THR B 282 11.28 -27.60 11.97
N ALA B 283 12.24 -26.71 12.19
CA ALA B 283 12.05 -25.33 11.79
C ALA B 283 11.78 -25.22 10.30
N ALA B 284 12.54 -25.99 9.50
CA ALA B 284 12.40 -25.90 8.05
C ALA B 284 11.05 -26.39 7.58
N GLY B 285 10.44 -27.32 8.33
CA GLY B 285 9.14 -27.82 7.95
C GLY B 285 8.08 -26.74 7.90
N TYR B 286 8.28 -25.64 8.62
CA TYR B 286 7.33 -24.53 8.64
C TYR B 286 7.62 -23.49 7.56
N VAL B 287 8.70 -23.64 6.81
CA VAL B 287 9.09 -22.61 5.85
C VAL B 287 8.10 -22.63 4.69
N MET B 288 7.29 -21.59 4.63
CA MET B 288 6.44 -21.27 3.49
C MET B 288 6.32 -19.76 3.45
N SER B 289 5.73 -19.25 2.38
CA SER B 289 5.58 -17.81 2.23
C SER B 289 4.15 -17.48 1.83
N PRO B 290 3.47 -16.59 2.57
CA PRO B 290 4.05 -15.85 3.69
C PRO B 290 4.32 -16.74 4.88
N PRO B 291 5.31 -16.40 5.68
CA PRO B 291 5.69 -17.22 6.82
C PRO B 291 4.71 -17.03 7.97
N PHE B 292 4.81 -17.91 8.95
CA PHE B 292 4.00 -17.72 10.14
C PHE B 292 4.47 -16.50 10.89
N ARG B 293 3.55 -15.92 11.66
CA ARG B 293 3.67 -14.54 12.08
C ARG B 293 3.66 -14.42 13.59
N PRO B 294 4.12 -13.30 14.13
CA PRO B 294 3.98 -13.05 15.57
C PRO B 294 2.52 -13.16 16.00
N VAL B 295 2.34 -13.50 17.28
CA VAL B 295 1.05 -13.96 17.80
C VAL B 295 -0.07 -12.99 17.46
N GLU B 296 0.16 -11.69 17.57
CA GLU B 296 -0.93 -10.74 17.41
C GLU B 296 -1.61 -10.88 16.06
N HIS B 297 -0.92 -11.45 15.07
CA HIS B 297 -1.53 -11.59 13.75
C HIS B 297 -2.59 -12.68 13.74
N GLN B 298 -2.42 -13.75 14.51
CA GLN B 298 -3.42 -14.80 14.55
C GLN B 298 -4.77 -14.27 15.04
N GLU B 299 -4.75 -13.49 16.12
CA GLU B 299 -6.01 -12.96 16.62
C GLU B 299 -6.64 -12.00 15.60
N ALA B 300 -5.81 -11.23 14.90
CA ALA B 300 -6.36 -10.35 13.87
C ALA B 300 -7.06 -11.14 12.77
N LEU B 301 -6.46 -12.25 12.35
CA LEU B 301 -7.06 -13.04 11.27
C LEU B 301 -8.37 -13.68 11.73
N TRP B 302 -8.40 -14.17 12.94
CA TRP B 302 -9.64 -14.73 13.47
C TRP B 302 -10.74 -13.68 13.41
N ARG B 303 -10.41 -12.47 13.79
CA ARG B 303 -11.39 -11.42 13.74
C ARG B 303 -11.76 -11.11 12.34
N GLY B 304 -10.81 -11.25 11.44
CA GLY B 304 -11.16 -11.03 10.05
C GLY B 304 -12.22 -12.01 9.56
N LEU B 305 -12.06 -13.28 9.91
CA LEU B 305 -13.10 -14.27 9.58
C LEU B 305 -14.42 -13.88 10.22
N GLN B 306 -14.39 -13.52 11.51
CA GLN B 306 -15.62 -13.20 12.22
C GLN B 306 -16.31 -11.97 11.65
N SER B 307 -15.54 -11.01 11.12
CA SER B 307 -16.11 -9.76 10.66
C SER B 307 -16.49 -9.79 9.19
N GLY B 308 -16.17 -10.85 8.48
CA GLY B 308 -16.47 -10.91 7.06
C GLY B 308 -15.43 -10.27 6.18
N ASN B 309 -14.23 -10.00 6.70
CA ASN B 309 -13.16 -9.46 5.90
C ASN B 309 -12.17 -10.51 5.43
N LEU B 310 -12.28 -11.73 5.92
CA LEU B 310 -11.65 -12.89 5.31
C LEU B 310 -12.78 -13.82 4.92
N HIS B 311 -12.66 -14.44 3.75
CA HIS B 311 -13.80 -15.08 3.12
C HIS B 311 -13.65 -16.56 2.90
N THR B 312 -12.44 -17.06 2.74
CA THR B 312 -12.23 -18.45 2.36
C THR B 312 -11.08 -19.01 3.19
N THR B 313 -11.11 -20.32 3.36
CA THR B 313 -9.97 -21.03 3.90
C THR B 313 -9.39 -21.94 2.82
N ALA B 314 -8.09 -22.18 2.92
CA ALA B 314 -7.37 -23.00 1.97
C ALA B 314 -6.13 -23.53 2.68
N THR B 315 -5.24 -24.15 1.94
CA THR B 315 -4.07 -24.74 2.57
C THR B 315 -2.74 -24.40 1.92
N ASP B 316 -2.72 -23.87 0.69
CA ASP B 316 -1.45 -23.73 0.00
C ASP B 316 -0.71 -25.06 0.03
N HIS B 317 -1.47 -26.14 -0.18
CA HIS B 317 -0.91 -27.47 -0.01
C HIS B 317 0.28 -27.67 -0.93
N CYS B 318 1.48 -27.62 -0.37
CA CYS B 318 2.71 -27.58 -1.16
C CYS B 318 3.75 -28.34 -0.36
N CYS B 319 3.85 -29.65 -0.64
CA CYS B 319 4.52 -30.61 0.22
C CYS B 319 5.97 -30.82 -0.20
N PHE B 320 6.89 -30.68 0.76
CA PHE B 320 8.27 -31.02 0.55
C PHE B 320 8.74 -31.79 1.77
N CYS B 321 9.44 -32.90 1.53
CA CYS B 321 9.89 -33.73 2.63
C CYS B 321 11.23 -33.22 3.15
N ALA B 322 11.70 -33.81 4.25
CA ALA B 322 12.89 -33.30 4.92
C ALA B 322 14.06 -33.14 3.94
N GLU B 323 14.26 -34.12 3.06
CA GLU B 323 15.43 -34.06 2.17
C GLU B 323 15.29 -32.94 1.15
N GLN B 324 14.06 -32.62 0.74
CA GLN B 324 13.85 -31.48 -0.13
C GLN B 324 14.00 -30.17 0.64
N LYS B 325 13.40 -30.09 1.83
CA LYS B 325 13.62 -28.94 2.69
C LYS B 325 15.11 -28.67 2.88
N ALA B 326 15.89 -29.74 3.12
CA ALA B 326 17.33 -29.60 3.34
C ALA B 326 18.08 -29.08 2.13
N MET B 327 17.44 -28.92 0.97
CA MET B 327 18.07 -28.19 -0.11
C MET B 327 18.52 -26.80 0.35
N GLY B 328 17.92 -26.27 1.41
CA GLY B 328 18.35 -25.00 1.96
C GLY B 328 19.00 -25.12 3.33
N ARG B 329 19.69 -26.24 3.57
CA ARG B 329 20.35 -26.43 4.86
C ARG B 329 21.31 -25.29 5.17
N ASP B 330 21.94 -24.71 4.15
CA ASP B 330 22.92 -23.65 4.33
C ASP B 330 22.43 -22.30 3.81
N ASP B 331 21.15 -22.18 3.51
CA ASP B 331 20.62 -20.98 2.86
C ASP B 331 19.10 -21.04 2.91
N PHE B 332 18.49 -20.37 3.87
CA PHE B 332 17.05 -20.48 4.04
C PHE B 332 16.31 -20.10 2.77
N SER B 333 16.90 -19.24 1.95
CA SER B 333 16.21 -18.77 0.76
C SER B 333 16.05 -19.87 -0.27
N LYS B 334 16.72 -21.01 -0.07
CA LYS B 334 16.62 -22.16 -0.97
C LYS B 334 15.87 -23.33 -0.36
N ILE B 335 15.32 -23.19 0.85
CA ILE B 335 14.40 -24.19 1.38
C ILE B 335 13.14 -24.12 0.52
N PRO B 336 12.74 -25.20 -0.16
CA PRO B 336 11.48 -25.15 -0.91
C PRO B 336 10.35 -24.73 0.02
N ASN B 337 9.63 -23.68 -0.38
CA ASN B 337 8.58 -23.08 0.44
C ASN B 337 7.28 -23.84 0.28
N GLY B 338 6.67 -24.19 1.40
CA GLY B 338 5.35 -24.81 1.39
C GLY B 338 5.16 -25.74 2.57
N THR B 339 3.91 -25.84 3.01
CA THR B 339 3.49 -26.75 4.06
C THR B 339 2.33 -27.58 3.53
N ALA B 340 2.10 -28.71 4.18
CA ALA B 340 0.93 -29.53 3.87
C ALA B 340 -0.28 -29.03 4.68
N GLY B 341 -1.48 -29.26 4.14
CA GLY B 341 -2.65 -28.97 4.94
C GLY B 341 -4.00 -29.45 4.43
N ILE B 342 -4.07 -29.96 3.21
CA ILE B 342 -5.37 -30.21 2.58
C ILE B 342 -6.19 -31.15 3.44
N GLU B 343 -5.55 -32.16 4.03
CA GLU B 343 -6.28 -33.11 4.83
C GLU B 343 -6.77 -32.53 6.15
N ASP B 344 -6.10 -31.49 6.66
CA ASP B 344 -6.31 -31.06 8.03
C ASP B 344 -7.12 -29.77 8.15
N ARG B 345 -7.32 -29.03 7.05
CA ARG B 345 -7.97 -27.73 7.13
C ARG B 345 -9.31 -27.80 7.85
N MET B 346 -10.19 -28.69 7.42
CA MET B 346 -11.54 -28.65 7.95
C MET B 346 -11.56 -29.00 9.44
N ALA B 347 -10.83 -30.03 9.86
CA ALA B 347 -10.81 -30.37 11.27
C ALA B 347 -10.17 -29.26 12.09
N LEU B 348 -9.05 -28.72 11.60
CA LEU B 348 -8.39 -27.62 12.31
C LEU B 348 -9.34 -26.46 12.53
N LEU B 349 -10.04 -26.03 11.47
CA LEU B 349 -10.94 -24.89 11.58
C LEU B 349 -12.13 -25.21 12.47
N TRP B 350 -12.70 -26.40 12.33
CA TRP B 350 -13.83 -26.78 13.18
C TRP B 350 -13.42 -26.77 14.64
N ASP B 351 -12.29 -27.39 14.96
CA ASP B 351 -11.89 -27.52 16.35
C ASP B 351 -11.54 -26.17 16.94
N ALA B 352 -10.83 -25.33 16.18
CA ALA B 352 -10.41 -24.04 16.69
C ALA B 352 -11.49 -22.98 16.58
N GLY B 353 -12.33 -23.06 15.55
CA GLY B 353 -13.32 -22.03 15.30
C GLY B 353 -14.71 -22.33 15.80
N VAL B 354 -15.22 -23.54 15.56
CA VAL B 354 -16.57 -23.86 15.99
C VAL B 354 -16.60 -24.26 17.46
N ASN B 355 -15.72 -25.18 17.87
CA ASN B 355 -15.75 -25.64 19.26
C ASN B 355 -15.61 -24.46 20.22
N SER B 356 -14.82 -23.46 19.83
CA SER B 356 -14.51 -22.35 20.71
C SER B 356 -15.57 -21.26 20.71
N GLY B 357 -16.53 -21.33 19.79
CA GLY B 357 -17.50 -20.27 19.68
C GLY B 357 -17.04 -19.06 18.89
N ARG B 358 -15.86 -19.12 18.27
CA ARG B 358 -15.47 -18.02 17.40
C ARG B 358 -16.35 -17.97 16.15
N LEU B 359 -16.69 -19.14 15.63
CA LEU B 359 -17.42 -19.28 14.39
C LEU B 359 -18.62 -20.19 14.62
N SER B 360 -19.73 -19.85 13.98
CA SER B 360 -20.87 -20.75 13.94
C SER B 360 -20.60 -21.87 12.96
N MET B 361 -21.42 -22.91 13.01
CA MET B 361 -21.28 -23.98 12.03
C MET B 361 -21.58 -23.47 10.63
N HIS B 362 -22.44 -22.47 10.51
CA HIS B 362 -22.77 -21.93 9.21
C HIS B 362 -21.60 -21.14 8.66
N GLU B 363 -20.95 -20.34 9.51
CA GLU B 363 -19.72 -19.68 9.08
C GLU B 363 -18.67 -20.71 8.67
N PHE B 364 -18.58 -21.82 9.41
CA PHE B 364 -17.65 -22.89 9.05
C PHE B 364 -17.90 -23.38 7.63
N VAL B 365 -19.17 -23.64 7.29
CA VAL B 365 -19.48 -24.08 5.94
C VAL B 365 -19.14 -22.98 4.94
N ALA B 366 -19.54 -21.75 5.21
CA ALA B 366 -19.24 -20.66 4.30
C ALA B 366 -17.73 -20.54 4.09
N LEU B 367 -16.94 -20.73 5.15
CA LEU B 367 -15.51 -20.54 5.04
C LEU B 367 -14.79 -21.73 4.44
N THR B 368 -15.40 -22.92 4.48
CA THR B 368 -14.73 -24.09 3.94
C THR B 368 -15.22 -24.49 2.54
N SER B 369 -16.36 -23.98 2.09
CA SER B 369 -16.76 -24.30 0.72
C SER B 369 -17.54 -23.17 0.04
N THR B 370 -18.62 -22.69 0.68
CA THR B 370 -19.59 -21.90 -0.08
C THR B 370 -19.00 -20.58 -0.56
N ASN B 371 -18.21 -19.90 0.27
CA ASN B 371 -17.67 -18.61 -0.18
C ASN B 371 -16.73 -18.79 -1.37
N THR B 372 -15.85 -19.78 -1.29
CA THR B 372 -14.99 -20.11 -2.41
C THR B 372 -15.81 -20.38 -3.66
N ALA B 373 -16.87 -21.17 -3.52
CA ALA B 373 -17.74 -21.43 -4.67
C ALA B 373 -18.35 -20.15 -5.20
N LYS B 374 -18.82 -19.27 -4.33
CA LYS B 374 -19.45 -18.05 -4.80
C LYS B 374 -18.43 -17.18 -5.54
N ILE B 375 -17.26 -16.99 -4.95
CA ILE B 375 -16.25 -16.10 -5.51
C ILE B 375 -15.84 -16.56 -6.89
N PHE B 376 -15.62 -17.85 -7.06
CA PHE B 376 -15.12 -18.41 -8.31
C PHE B 376 -16.23 -18.97 -9.19
N ASN B 377 -17.47 -18.59 -8.92
CA ASN B 377 -18.61 -18.85 -9.80
C ASN B 377 -18.90 -20.34 -9.92
N LEU B 378 -18.70 -21.07 -8.82
CA LEU B 378 -19.07 -22.47 -8.74
C LEU B 378 -20.27 -22.70 -7.83
N PHE B 379 -20.98 -21.63 -7.43
CA PHE B 379 -22.15 -21.76 -6.57
C PHE B 379 -23.42 -21.61 -7.41
N PRO B 380 -24.43 -22.49 -7.29
CA PRO B 380 -24.55 -23.57 -6.30
C PRO B 380 -24.19 -24.96 -6.79
N ARG B 381 -23.38 -25.08 -7.85
CA ARG B 381 -22.89 -26.40 -8.23
C ARG B 381 -22.06 -27.03 -7.11
N LYS B 382 -21.24 -26.22 -6.44
CA LYS B 382 -20.43 -26.67 -5.32
C LYS B 382 -20.80 -25.85 -4.09
N GLY B 383 -20.45 -26.38 -2.92
CA GLY B 383 -20.66 -25.62 -1.70
C GLY B 383 -22.11 -25.45 -1.32
N ALA B 384 -22.99 -26.28 -1.85
CA ALA B 384 -24.42 -26.15 -1.63
C ALA B 384 -25.04 -27.53 -1.46
N ILE B 385 -25.94 -27.65 -0.50
CA ILE B 385 -26.74 -28.85 -0.34
C ILE B 385 -28.11 -28.51 -0.89
N ARG B 386 -28.30 -28.83 -2.17
CA ARG B 386 -29.57 -28.59 -2.82
C ARG B 386 -29.69 -29.54 -4.01
N VAL B 387 -30.93 -29.78 -4.41
CA VAL B 387 -31.17 -30.70 -5.51
C VAL B 387 -30.50 -30.16 -6.77
N GLY B 388 -29.74 -31.02 -7.42
CA GLY B 388 -29.06 -30.66 -8.64
C GLY B 388 -27.61 -30.25 -8.46
N ALA B 389 -27.20 -29.96 -7.22
CA ALA B 389 -25.81 -29.64 -6.94
C ALA B 389 -24.95 -30.89 -6.96
N ASP B 390 -23.66 -30.72 -7.22
CA ASP B 390 -22.75 -31.85 -7.16
C ASP B 390 -22.81 -32.48 -5.78
N ALA B 391 -22.83 -33.82 -5.75
CA ALA B 391 -22.92 -34.56 -4.49
C ALA B 391 -21.54 -34.66 -3.87
N ASP B 392 -21.02 -33.50 -3.43
CA ASP B 392 -19.79 -33.40 -2.67
C ASP B 392 -20.19 -33.06 -1.24
N LEU B 393 -20.01 -34.00 -0.33
CA LEU B 393 -20.52 -33.84 1.02
C LEU B 393 -19.52 -34.42 2.01
N VAL B 394 -19.59 -33.90 3.23
CA VAL B 394 -18.81 -34.43 4.34
C VAL B 394 -19.77 -34.67 5.49
N LEU B 395 -19.66 -35.83 6.12
CA LEU B 395 -20.42 -36.14 7.31
C LEU B 395 -19.50 -35.94 8.49
N TRP B 396 -19.94 -35.12 9.44
CA TRP B 396 -19.06 -34.59 10.48
C TRP B 396 -19.48 -35.12 11.84
N ASP B 397 -18.57 -35.79 12.51
CA ASP B 397 -18.83 -36.24 13.86
C ASP B 397 -18.30 -35.20 14.84
N PRO B 398 -19.18 -34.40 15.47
CA PRO B 398 -18.68 -33.34 16.36
C PRO B 398 -17.99 -33.87 17.59
N GLN B 399 -18.23 -35.13 17.97
CA GLN B 399 -17.59 -35.72 19.13
C GLN B 399 -16.40 -36.60 18.75
N GLY B 400 -16.17 -36.82 17.46
CA GLY B 400 -15.02 -37.60 17.06
C GLY B 400 -13.73 -36.85 17.30
N SER B 401 -12.65 -37.61 17.46
CA SER B 401 -11.34 -37.05 17.78
C SER B 401 -10.30 -37.57 16.82
N ARG B 402 -9.32 -36.73 16.53
CA ARG B 402 -8.22 -37.10 15.66
C ARG B 402 -6.97 -36.38 16.15
N THR B 403 -5.83 -37.06 16.11
CA THR B 403 -4.56 -36.44 16.44
C THR B 403 -3.75 -36.30 15.17
N LEU B 404 -3.41 -35.07 14.81
CA LEU B 404 -2.68 -34.83 13.57
C LEU B 404 -1.24 -35.27 13.72
N SER B 405 -0.77 -36.09 12.79
CA SER B 405 0.61 -36.54 12.83
C SER B 405 1.05 -36.93 11.42
N ALA B 406 2.30 -36.60 11.08
CA ALA B 406 2.82 -37.01 9.79
C ALA B 406 2.91 -38.53 9.68
N ALA B 407 3.03 -39.22 10.82
CA ALA B 407 3.13 -40.67 10.79
C ALA B 407 1.83 -41.33 10.38
N THR B 408 0.71 -40.61 10.49
CA THR B 408 -0.60 -41.21 10.24
C THR B 408 -1.45 -40.48 9.21
N HIS B 409 -1.10 -39.25 8.84
CA HIS B 409 -1.91 -38.57 7.85
C HIS B 409 -1.73 -39.23 6.47
N HIS B 410 -2.65 -38.90 5.56
CA HIS B 410 -2.60 -39.44 4.20
C HIS B 410 -1.82 -38.56 3.24
N GLN B 411 -1.41 -37.38 3.69
CA GLN B 411 -0.62 -36.49 2.86
C GLN B 411 0.78 -37.06 2.67
N ARG B 412 1.22 -37.13 1.41
CA ARG B 412 2.51 -37.74 1.08
C ARG B 412 3.61 -36.72 1.38
N VAL B 413 3.89 -36.59 2.67
CA VAL B 413 4.89 -35.65 3.16
C VAL B 413 5.23 -36.10 4.57
N ASP B 414 6.50 -35.92 4.95
CA ASP B 414 6.97 -36.44 6.23
C ASP B 414 6.90 -35.41 7.35
N PHE B 415 6.08 -34.38 7.21
CA PHE B 415 6.02 -33.31 8.19
C PHE B 415 4.60 -32.79 8.24
N ASN B 416 4.13 -32.51 9.45
CA ASN B 416 2.83 -31.89 9.67
C ASN B 416 3.02 -30.70 10.60
N ILE B 417 2.65 -29.50 10.14
CA ILE B 417 2.87 -28.32 10.95
C ILE B 417 2.01 -28.30 12.21
N PHE B 418 1.06 -29.23 12.34
CA PHE B 418 0.28 -29.36 13.56
C PHE B 418 0.52 -30.71 14.23
N GLU B 419 1.73 -31.23 14.06
CA GLU B 419 2.10 -32.51 14.65
C GLU B 419 1.73 -32.57 16.12
N GLY B 420 0.99 -33.60 16.49
CA GLY B 420 0.62 -33.82 17.87
C GLY B 420 -0.65 -33.13 18.32
N ARG B 421 -1.26 -32.33 17.47
CA ARG B 421 -2.47 -31.61 17.86
C ARG B 421 -3.68 -32.52 17.75
N THR B 422 -4.48 -32.57 18.80
CA THR B 422 -5.70 -33.36 18.82
C THR B 422 -6.89 -32.44 18.63
N VAL B 423 -7.73 -32.78 17.66
CA VAL B 423 -8.91 -31.99 17.34
C VAL B 423 -10.15 -32.80 17.72
N ARG B 424 -11.18 -32.09 18.13
CA ARG B 424 -12.50 -32.68 18.38
C ARG B 424 -13.45 -32.19 17.31
N GLY B 425 -14.01 -33.13 16.56
CA GLY B 425 -14.82 -32.78 15.42
C GLY B 425 -14.07 -33.16 14.17
N ILE B 426 -14.49 -34.25 13.52
CA ILE B 426 -13.73 -34.82 12.41
C ILE B 426 -14.67 -35.28 11.34
N PRO B 427 -14.21 -35.34 10.10
CA PRO B 427 -15.02 -35.94 9.04
C PRO B 427 -15.06 -37.45 9.20
N SER B 428 -16.26 -37.98 9.46
CA SER B 428 -16.43 -39.43 9.53
C SER B 428 -16.52 -40.04 8.13
N HIS B 429 -17.13 -39.31 7.21
CA HIS B 429 -17.35 -39.81 5.87
C HIS B 429 -17.20 -38.65 4.91
N THR B 430 -16.60 -38.91 3.76
CA THR B 430 -16.52 -37.91 2.69
C THR B 430 -17.14 -38.48 1.44
N ILE B 431 -17.99 -37.70 0.80
CA ILE B 431 -18.69 -38.10 -0.40
C ILE B 431 -18.28 -37.15 -1.52
N SER B 432 -17.82 -37.72 -2.63
CA SER B 432 -17.40 -36.91 -3.77
C SER B 432 -18.00 -37.51 -5.03
N GLN B 433 -18.65 -36.67 -5.84
CA GLN B 433 -19.41 -37.14 -7.00
C GLN B 433 -20.42 -38.21 -6.59
N GLY B 434 -20.99 -38.06 -5.40
CA GLY B 434 -21.99 -38.99 -4.91
C GLY B 434 -21.47 -40.32 -4.44
N LYS B 435 -20.15 -40.54 -4.42
CA LYS B 435 -19.56 -41.79 -4.00
C LYS B 435 -18.87 -41.63 -2.64
N LEU B 436 -18.97 -42.67 -1.81
CA LEU B 436 -18.36 -42.69 -0.49
C LEU B 436 -16.88 -42.99 -0.64
N LEU B 437 -16.04 -41.97 -0.53
CA LEU B 437 -14.62 -42.16 -0.79
C LEU B 437 -13.79 -42.18 0.50
N TRP B 438 -14.40 -41.81 1.62
CA TRP B 438 -13.76 -41.87 2.93
C TRP B 438 -14.82 -42.29 3.93
N ALA B 439 -14.55 -43.34 4.69
CA ALA B 439 -15.55 -43.89 5.60
C ALA B 439 -14.84 -44.47 6.81
N ALA B 440 -14.97 -43.79 7.94
CA ALA B 440 -14.52 -44.28 9.24
C ALA B 440 -13.14 -44.93 9.15
N GLY B 441 -12.20 -44.19 8.59
CA GLY B 441 -10.82 -44.63 8.51
C GLY B 441 -10.44 -45.29 7.21
N ASP B 442 -11.41 -45.60 6.35
CA ASP B 442 -11.16 -46.29 5.09
C ASP B 442 -11.18 -45.27 3.95
N LEU B 443 -10.02 -45.06 3.34
CA LEU B 443 -9.90 -44.20 2.17
C LEU B 443 -10.06 -45.02 0.90
N ARG B 444 -10.97 -44.58 0.02
CA ARG B 444 -11.31 -45.31 -1.19
C ARG B 444 -11.08 -44.49 -2.45
N ALA B 445 -10.13 -43.56 -2.40
CA ALA B 445 -9.84 -42.74 -3.56
C ALA B 445 -9.22 -43.60 -4.66
N GLU B 446 -9.51 -43.23 -5.91
CA GLU B 446 -9.06 -43.95 -7.08
C GLU B 446 -8.38 -42.98 -8.04
N PRO B 447 -7.19 -43.30 -8.54
CA PRO B 447 -6.56 -42.43 -9.52
C PRO B 447 -7.46 -42.18 -10.72
N GLY B 448 -7.59 -40.91 -11.09
CA GLY B 448 -8.31 -40.53 -12.29
C GLY B 448 -9.81 -40.37 -12.12
N ALA B 449 -10.35 -40.61 -10.93
CA ALA B 449 -11.80 -40.52 -10.74
C ALA B 449 -12.28 -39.08 -10.77
N GLY B 450 -11.44 -38.13 -10.38
CA GLY B 450 -11.88 -36.74 -10.32
C GLY B 450 -12.13 -36.18 -11.71
N ARG B 451 -13.01 -35.18 -11.76
CA ARG B 451 -13.27 -34.43 -12.97
C ARG B 451 -12.60 -33.07 -12.93
N TYR B 452 -12.16 -32.61 -14.10
CA TYR B 452 -11.76 -31.22 -14.25
C TYR B 452 -13.02 -30.35 -14.23
N VAL B 453 -13.00 -29.33 -13.38
CA VAL B 453 -14.17 -28.49 -13.12
C VAL B 453 -13.95 -27.14 -13.80
N GLU B 454 -14.81 -26.84 -14.77
CA GLU B 454 -14.78 -25.53 -15.41
C GLU B 454 -15.49 -24.51 -14.55
N ARG B 455 -15.00 -23.29 -14.56
CA ARG B 455 -15.67 -22.20 -13.86
C ARG B 455 -16.06 -21.12 -14.85
N PRO B 456 -17.35 -20.82 -14.98
CA PRO B 456 -17.77 -19.78 -15.92
C PRO B 456 -17.24 -18.40 -15.52
N ALA B 457 -16.94 -17.60 -16.53
CA ALA B 457 -16.51 -16.24 -16.30
C ALA B 457 -17.71 -15.38 -15.87
N TYR B 458 -17.42 -14.14 -15.52
CA TYR B 458 -18.37 -13.12 -15.10
C TYR B 458 -19.22 -13.55 -13.91
N PRO B 459 -18.59 -13.85 -12.78
CA PRO B 459 -19.37 -13.95 -11.53
C PRO B 459 -20.14 -12.66 -11.33
N SER B 460 -21.22 -12.70 -10.53
CA SER B 460 -22.16 -11.60 -10.52
C SER B 460 -21.49 -10.28 -10.13
N VAL B 461 -20.39 -10.33 -9.38
CA VAL B 461 -19.74 -9.07 -9.01
C VAL B 461 -19.43 -8.25 -10.25
N TYR B 462 -19.23 -8.89 -11.40
CA TYR B 462 -18.91 -8.12 -12.60
C TYR B 462 -20.13 -7.37 -13.14
N GLU B 463 -21.34 -7.86 -12.86
CA GLU B 463 -22.54 -7.09 -13.21
C GLU B 463 -22.58 -5.77 -12.44
N VAL B 464 -22.33 -5.83 -11.14
CA VAL B 464 -22.32 -4.62 -10.33
C VAL B 464 -21.23 -3.67 -10.78
N LEU B 465 -20.01 -4.17 -10.92
CA LEU B 465 -18.92 -3.34 -11.42
C LEU B 465 -19.27 -2.70 -12.75
N GLY B 466 -19.93 -3.45 -13.63
CA GLY B 466 -20.31 -2.91 -14.92
C GLY B 466 -21.25 -1.73 -14.80
N ARG B 467 -22.26 -1.84 -13.93
CA ARG B 467 -23.16 -0.73 -13.69
C ARG B 467 -22.41 0.44 -13.09
N ARG B 468 -21.49 0.15 -12.18
CA ARG B 468 -20.69 1.19 -11.56
C ARG B 468 -19.83 1.91 -12.61
N ALA B 469 -19.14 1.15 -13.44
CA ALA B 469 -18.32 1.74 -14.50
C ALA B 469 -19.16 2.60 -15.42
N GLU B 470 -20.35 2.11 -15.79
CA GLU B 470 -21.32 2.88 -16.55
C GLU B 470 -21.61 4.23 -15.88
N ARG B 471 -21.88 4.20 -14.59
CA ARG B 471 -22.26 5.39 -13.84
C ARG B 471 -21.09 6.36 -13.72
N GLN B 472 -19.87 5.86 -13.82
CA GLN B 472 -18.67 6.64 -13.55
C GLN B 472 -17.92 7.01 -14.82
N ARG B 473 -18.53 6.83 -15.99
CA ARG B 473 -17.79 7.01 -17.22
C ARG B 473 -17.47 8.48 -17.44
N PRO B 474 -16.25 8.79 -17.89
CA PRO B 474 -15.83 10.20 -18.01
C PRO B 474 -16.62 10.95 -19.08
N VAL B 475 -16.97 12.18 -18.75
CA VAL B 475 -17.64 13.11 -19.66
C VAL B 475 -16.69 14.28 -19.92
N ALA B 476 -16.38 14.54 -21.18
CA ALA B 476 -15.53 15.67 -21.52
C ALA B 476 -16.26 16.98 -21.23
N VAL B 477 -15.49 18.01 -20.90
CA VAL B 477 -16.05 19.35 -20.75
C VAL B 477 -16.20 19.99 -22.12
N GLU B 478 -17.39 20.52 -22.39
CA GLU B 478 -17.65 21.22 -23.65
C GLU B 478 -16.97 22.59 -23.63
N ARG B 479 -16.01 22.79 -24.52
CA ARG B 479 -15.29 24.06 -24.59
C ARG B 479 -15.29 24.60 -26.02
#